data_1LD7
#
_entry.id   1LD7
#
_cell.length_a   178.725
_cell.length_b   178.725
_cell.length_c   64.549
_cell.angle_alpha   90.00
_cell.angle_beta   90.00
_cell.angle_gamma   120.00
#
_symmetry.space_group_name_H-M   'P 61'
#
loop_
_entity.id
_entity.type
_entity.pdbx_description
1 polymer 'protein farnesyltransferase alpha subunit'
2 polymer 'protein farnesyltransferase beta subunit'
3 branched beta-D-fructofuranose-(2-1)-alpha-D-glucopyranose
4 non-polymer 'ZINC ION'
5 non-polymer 'FARNESYL DIPHOSPHATE'
6 non-polymer '(20S)-19,20,22,23-TETRAHYDRO-19-OXO-5H,21H-18,20-ETHANO-12,14-ETHENO-6,10-METHENOBENZ[D]IMIDAZO[4,3-L][1,6,9,13]OXATRIA ZACYCLONOADECOSINE-9-CARBONITRILE'
7 water water
#
loop_
_entity_poly.entity_id
_entity_poly.type
_entity_poly.pdbx_seq_one_letter_code
_entity_poly.pdbx_strand_id
1 'polypeptide(L)'
;MAATEGVGEAAQGGEPGQPAQPPPQPHPPPPQQQHKEEMAAEAGEAVASPMDDGFVSLDSPSYVLYRDRAEWADIDPVPQ
NDGPNPVVQIIYSDKFRDVYDYFRAVLQRDERSERAFKLTRDAIELNAANYTVWHFRRVLLKSLQKDLHEEMNYITAIIE
EQPKNYQVWHHRRVLVEWLRDPSQELEFIADILNQDAKNYHAWQHRQWVIQEFKLWDNELQYVDQLLKEDVRNNSVWNQR
YFVISNTTGYNDRAVLEREVQYTLEMIKLVPHNESAWNYLKGILQDRGLSKYPNLLNQLLDLQPSHSSPYLIAFLVDIYE
DMLENQCDNKEDILNKALELCEILAKEKDTIRKEYWRYIGRSLQSKHSTENDSPTNVQQEEF
;
A
2 'polypeptide(L)'
;MASPSSFTYYCPPSSSPVWSEPLYSLRPEHARERLQDDSVETVTSIEQAKVEEKIQEVFSSYKFNHLVPRLVLQREKHFH
YLKRGLRQLTDAYECLDASRPWLCYWILHSLELLDEPIPQIVATDVCQFLELCQSPEGGFGGGPGQYPHLAPTYAAVNAL
CIIGTEEAYDIINREKLLQYLYSLKQPDGSFLMHVGGEVDVRSAYCAASVASLTNIITPDLFEGTAEWIARCQNWEGGIG
GVPGMEAHGGYTFCGLAALVILKRERSLNLKSLLQWVTSRQMRFEGGFQGRCNKLVDGCYSFWQAGLLPLLHRALHAQGD
PALSMSHWMFHQQALQEYILMCCQCPAGGLLDKPGKSRDFYHTCYCLSGLSIAQHFGSGAMLHDVVLGVPENALQPTHPV
YNIGPDKVIQATTYFLQKPVPGFEELKDETSAEPATD
;
B
#
# COMPACT_ATOMS: atom_id res chain seq x y z
N PHE A 55 -20.19 -30.04 9.13
CA PHE A 55 -21.08 -30.60 10.20
C PHE A 55 -21.62 -29.52 11.13
N VAL A 56 -20.79 -29.06 12.06
CA VAL A 56 -21.20 -28.04 13.01
C VAL A 56 -20.26 -26.84 13.04
N SER A 57 -20.85 -25.66 12.95
CA SER A 57 -20.12 -24.40 12.96
C SER A 57 -19.67 -23.97 14.37
N LEU A 58 -18.70 -23.07 14.41
CA LEU A 58 -18.17 -22.55 15.67
C LEU A 58 -19.23 -21.85 16.51
N ASP A 59 -20.29 -21.38 15.85
CA ASP A 59 -21.34 -20.68 16.57
C ASP A 59 -22.57 -21.56 16.82
N SER A 60 -22.58 -22.77 16.29
CA SER A 60 -23.71 -23.68 16.47
C SER A 60 -23.94 -23.99 17.94
N PRO A 61 -25.21 -24.06 18.36
CA PRO A 61 -25.51 -24.37 19.76
C PRO A 61 -24.94 -25.71 20.22
N SER A 62 -24.80 -26.66 19.29
CA SER A 62 -24.27 -27.97 19.65
C SER A 62 -22.78 -28.14 19.37
N TYR A 63 -22.09 -27.05 19.08
CA TYR A 63 -20.65 -27.12 18.82
C TYR A 63 -19.93 -27.68 20.04
N VAL A 64 -18.97 -28.56 19.81
CA VAL A 64 -18.20 -29.15 20.90
C VAL A 64 -16.70 -28.92 20.65
N LEU A 65 -15.96 -28.55 21.69
CA LEU A 65 -14.52 -28.31 21.55
C LEU A 65 -13.86 -29.62 21.14
N TYR A 66 -12.79 -29.52 20.36
CA TYR A 66 -12.10 -30.72 19.92
C TYR A 66 -11.54 -31.56 21.06
N ARG A 67 -11.16 -30.91 22.17
CA ARG A 67 -10.62 -31.66 23.30
C ARG A 67 -11.71 -32.51 23.96
N ASP A 68 -12.96 -32.31 23.54
CA ASP A 68 -14.09 -33.07 24.09
C ASP A 68 -14.71 -34.04 23.11
N ARG A 69 -14.20 -34.06 21.87
CA ARG A 69 -14.74 -34.95 20.85
C ARG A 69 -14.08 -36.33 20.90
N ALA A 70 -14.91 -37.37 21.02
CA ALA A 70 -14.41 -38.74 21.10
C ALA A 70 -13.63 -39.15 19.87
N GLU A 71 -14.04 -38.67 18.70
CA GLU A 71 -13.36 -39.01 17.46
C GLU A 71 -11.99 -38.34 17.36
N TRP A 72 -11.63 -37.56 18.37
CA TRP A 72 -10.34 -36.88 18.37
C TRP A 72 -9.48 -37.25 19.59
N ALA A 73 -10.02 -38.12 20.44
CA ALA A 73 -9.31 -38.54 21.65
C ALA A 73 -7.99 -39.27 21.40
N ASP A 74 -7.83 -39.86 20.22
CA ASP A 74 -6.62 -40.62 19.90
C ASP A 74 -5.41 -39.76 19.58
N ILE A 75 -5.62 -38.48 19.30
CA ILE A 75 -4.50 -37.61 18.98
C ILE A 75 -4.35 -36.53 20.05
N ASP A 76 -3.10 -36.29 20.45
CA ASP A 76 -2.81 -35.28 21.47
C ASP A 76 -2.66 -33.90 20.84
N PRO A 77 -3.26 -32.88 21.47
CA PRO A 77 -3.15 -31.52 20.93
C PRO A 77 -1.73 -30.99 21.12
N VAL A 78 -1.32 -30.09 20.24
CA VAL A 78 0.02 -29.51 20.31
C VAL A 78 -0.08 -28.02 20.62
N PRO A 79 0.17 -27.65 21.89
CA PRO A 79 0.10 -26.23 22.27
C PRO A 79 1.14 -25.39 21.53
N GLN A 80 0.86 -24.10 21.39
CA GLN A 80 1.77 -23.19 20.72
C GLN A 80 2.93 -22.87 21.66
N ASN A 81 4.14 -22.87 21.14
CA ASN A 81 5.30 -22.56 21.98
C ASN A 81 5.74 -21.13 21.77
N ASP A 82 5.31 -20.24 22.66
CA ASP A 82 5.66 -18.82 22.57
C ASP A 82 6.90 -18.47 23.38
N GLY A 83 7.44 -19.45 24.09
CA GLY A 83 8.62 -19.19 24.90
C GLY A 83 8.26 -18.84 26.32
N PRO A 84 9.24 -18.82 27.23
CA PRO A 84 9.02 -18.49 28.65
C PRO A 84 8.57 -17.07 28.93
N ASN A 85 9.08 -16.11 28.16
CA ASN A 85 8.73 -14.70 28.35
C ASN A 85 8.16 -14.16 27.05
N PRO A 86 6.94 -14.60 26.69
CA PRO A 86 6.26 -14.18 25.46
C PRO A 86 6.07 -12.68 25.20
N VAL A 87 6.06 -12.34 23.91
CA VAL A 87 5.85 -10.96 23.48
C VAL A 87 4.67 -10.99 22.51
N VAL A 88 4.02 -9.84 22.35
CA VAL A 88 2.85 -9.71 21.48
C VAL A 88 1.95 -10.95 21.60
N GLN A 89 1.78 -11.40 22.85
CA GLN A 89 0.99 -12.57 23.16
C GLN A 89 -0.49 -12.27 23.13
N ILE A 90 -1.20 -12.97 22.26
CA ILE A 90 -2.63 -12.79 22.11
C ILE A 90 -3.37 -13.66 23.11
N ILE A 91 -4.27 -13.06 23.88
CA ILE A 91 -5.05 -13.79 24.87
C ILE A 91 -6.20 -14.46 24.14
N TYR A 92 -5.92 -15.58 23.50
CA TYR A 92 -6.92 -16.31 22.72
C TYR A 92 -8.14 -16.78 23.51
N SER A 93 -9.29 -16.85 22.84
CA SER A 93 -10.49 -17.35 23.48
C SER A 93 -10.23 -18.84 23.62
N ASP A 94 -11.02 -19.52 24.44
CA ASP A 94 -10.83 -20.96 24.64
C ASP A 94 -11.10 -21.72 23.34
N LYS A 95 -12.11 -21.31 22.58
CA LYS A 95 -12.42 -21.98 21.33
C LYS A 95 -11.33 -21.78 20.28
N PHE A 96 -10.76 -20.59 20.22
CA PHE A 96 -9.70 -20.30 19.27
C PHE A 96 -8.49 -21.19 19.53
N ARG A 97 -8.02 -21.17 20.78
CA ARG A 97 -6.87 -21.99 21.15
C ARG A 97 -7.12 -23.47 20.94
N ASP A 98 -8.33 -23.93 21.29
CA ASP A 98 -8.69 -25.33 21.14
C ASP A 98 -8.50 -25.81 19.70
N VAL A 99 -9.09 -25.09 18.76
CA VAL A 99 -8.97 -25.47 17.35
C VAL A 99 -7.53 -25.49 16.89
N TYR A 100 -6.77 -24.45 17.22
CA TYR A 100 -5.39 -24.39 16.78
C TYR A 100 -4.45 -25.38 17.45
N ASP A 101 -4.76 -25.80 18.67
CA ASP A 101 -3.93 -26.79 19.35
C ASP A 101 -4.04 -28.10 18.55
N TYR A 102 -5.22 -28.36 18.00
CA TYR A 102 -5.43 -29.57 17.22
C TYR A 102 -4.93 -29.41 15.78
N PHE A 103 -5.06 -28.21 15.23
CA PHE A 103 -4.55 -27.99 13.88
C PHE A 103 -3.04 -28.22 13.93
N ARG A 104 -2.39 -27.74 14.98
CA ARG A 104 -0.96 -27.92 15.12
C ARG A 104 -0.61 -29.40 15.19
N ALA A 105 -1.44 -30.18 15.86
CA ALA A 105 -1.20 -31.61 16.00
C ALA A 105 -1.29 -32.32 14.63
N VAL A 106 -2.34 -32.02 13.88
CA VAL A 106 -2.52 -32.63 12.58
C VAL A 106 -1.42 -32.21 11.60
N LEU A 107 -1.06 -30.94 11.63
CA LEU A 107 -0.02 -30.42 10.75
C LEU A 107 1.30 -31.10 11.04
N GLN A 108 1.68 -31.12 12.31
CA GLN A 108 2.93 -31.73 12.74
C GLN A 108 2.93 -33.22 12.40
N ARG A 109 1.74 -33.80 12.38
CA ARG A 109 1.52 -35.21 12.09
C ARG A 109 1.29 -35.43 10.60
N ASP A 110 1.15 -34.34 9.85
CA ASP A 110 0.89 -34.39 8.42
C ASP A 110 -0.21 -35.40 8.13
N GLU A 111 -1.26 -35.36 8.94
CA GLU A 111 -2.39 -36.27 8.79
C GLU A 111 -3.33 -35.83 7.68
N ARG A 112 -3.36 -36.60 6.59
CA ARG A 112 -4.23 -36.29 5.46
C ARG A 112 -5.55 -37.01 5.69
N SER A 113 -6.42 -36.43 6.51
CA SER A 113 -7.69 -37.07 6.81
C SER A 113 -8.90 -36.17 6.65
N GLU A 114 -10.06 -36.80 6.60
CA GLU A 114 -11.32 -36.09 6.48
C GLU A 114 -11.55 -35.25 7.75
N ARG A 115 -11.16 -35.78 8.91
CA ARG A 115 -11.35 -35.04 10.14
C ARG A 115 -10.45 -33.81 10.15
N ALA A 116 -9.25 -33.97 9.60
CA ALA A 116 -8.32 -32.85 9.53
C ALA A 116 -8.90 -31.82 8.54
N PHE A 117 -9.48 -32.31 7.46
CA PHE A 117 -10.08 -31.44 6.45
C PHE A 117 -11.17 -30.57 7.06
N LYS A 118 -12.07 -31.17 7.83
CA LYS A 118 -13.15 -30.41 8.47
C LYS A 118 -12.58 -29.44 9.49
N LEU A 119 -11.51 -29.85 10.17
CA LEU A 119 -10.89 -28.99 11.17
C LEU A 119 -10.40 -27.69 10.56
N THR A 120 -9.87 -27.75 9.34
CA THR A 120 -9.36 -26.54 8.69
C THR A 120 -10.45 -25.50 8.46
N ARG A 121 -11.69 -25.97 8.28
CA ARG A 121 -12.81 -25.05 8.08
C ARG A 121 -13.05 -24.21 9.33
N ASP A 122 -12.88 -24.82 10.50
CA ASP A 122 -13.08 -24.11 11.75
C ASP A 122 -11.91 -23.16 11.99
N ALA A 123 -10.70 -23.63 11.69
CA ALA A 123 -9.51 -22.82 11.88
C ALA A 123 -9.62 -21.56 11.01
N ILE A 124 -10.12 -21.75 9.79
CA ILE A 124 -10.30 -20.65 8.84
C ILE A 124 -11.35 -19.66 9.35
N GLU A 125 -12.43 -20.15 9.92
CA GLU A 125 -13.46 -19.26 10.44
C GLU A 125 -12.89 -18.41 11.55
N LEU A 126 -12.02 -19.02 12.36
CA LEU A 126 -11.38 -18.34 13.49
C LEU A 126 -10.37 -17.30 13.02
N ASN A 127 -9.68 -17.58 11.91
CA ASN A 127 -8.72 -16.65 11.34
C ASN A 127 -8.49 -16.98 9.87
N ALA A 128 -9.25 -16.33 9.00
CA ALA A 128 -9.16 -16.56 7.57
C ALA A 128 -7.85 -16.09 6.94
N ALA A 129 -7.06 -15.35 7.71
CA ALA A 129 -5.78 -14.83 7.22
C ALA A 129 -4.64 -15.81 7.49
N ASN A 130 -4.94 -16.94 8.12
CA ASN A 130 -3.89 -17.92 8.39
C ASN A 130 -3.62 -18.71 7.13
N TYR A 131 -2.58 -18.28 6.40
CA TYR A 131 -2.18 -18.90 5.14
C TYR A 131 -1.65 -20.32 5.31
N THR A 132 -1.16 -20.65 6.49
CA THR A 132 -0.65 -21.99 6.72
C THR A 132 -1.81 -22.99 6.67
N VAL A 133 -2.93 -22.60 7.26
CA VAL A 133 -4.13 -23.45 7.26
C VAL A 133 -4.63 -23.64 5.84
N TRP A 134 -4.69 -22.56 5.06
CA TRP A 134 -5.15 -22.64 3.69
C TRP A 134 -4.28 -23.57 2.85
N HIS A 135 -2.97 -23.50 3.04
CA HIS A 135 -2.06 -24.35 2.29
C HIS A 135 -2.35 -25.81 2.62
N PHE A 136 -2.48 -26.12 3.90
CA PHE A 136 -2.75 -27.48 4.32
C PHE A 136 -4.10 -27.95 3.79
N ARG A 137 -5.12 -27.08 3.84
CA ARG A 137 -6.44 -27.46 3.35
C ARG A 137 -6.31 -27.83 1.87
N ARG A 138 -5.47 -27.08 1.16
CA ARG A 138 -5.23 -27.30 -0.26
C ARG A 138 -4.58 -28.67 -0.44
N VAL A 139 -3.61 -28.99 0.42
CA VAL A 139 -2.94 -30.29 0.36
C VAL A 139 -3.95 -31.42 0.60
N LEU A 140 -4.90 -31.19 1.50
CA LEU A 140 -5.91 -32.19 1.80
C LEU A 140 -6.91 -32.33 0.65
N LEU A 141 -7.24 -31.21 0.01
CA LEU A 141 -8.17 -31.24 -1.12
C LEU A 141 -7.67 -32.24 -2.15
N LYS A 142 -6.36 -32.22 -2.38
CA LYS A 142 -5.75 -33.12 -3.37
C LYS A 142 -5.63 -34.54 -2.82
N SER A 143 -5.10 -34.69 -1.61
CA SER A 143 -4.93 -36.00 -1.00
C SER A 143 -6.23 -36.81 -0.90
N LEU A 144 -7.29 -36.15 -0.43
CA LEU A 144 -8.58 -36.80 -0.26
C LEU A 144 -9.41 -36.77 -1.54
N GLN A 145 -8.86 -36.18 -2.59
CA GLN A 145 -9.56 -36.07 -3.87
C GLN A 145 -10.95 -35.48 -3.68
N LYS A 146 -11.02 -34.40 -2.90
CA LYS A 146 -12.28 -33.74 -2.63
C LYS A 146 -12.92 -33.14 -3.88
N ASP A 147 -14.24 -33.03 -3.87
CA ASP A 147 -14.96 -32.47 -5.00
C ASP A 147 -14.71 -30.96 -5.06
N LEU A 148 -14.01 -30.52 -6.09
CA LEU A 148 -13.67 -29.11 -6.25
C LEU A 148 -14.85 -28.18 -6.46
N HIS A 149 -15.93 -28.65 -7.06
CA HIS A 149 -17.09 -27.79 -7.25
C HIS A 149 -17.71 -27.53 -5.89
N GLU A 150 -17.54 -28.49 -4.99
CA GLU A 150 -18.06 -28.36 -3.65
C GLU A 150 -17.21 -27.28 -2.96
N GLU A 151 -15.90 -27.35 -3.15
CA GLU A 151 -15.00 -26.39 -2.54
C GLU A 151 -15.27 -24.98 -3.11
N MET A 152 -15.65 -24.91 -4.38
CA MET A 152 -15.94 -23.62 -5.00
C MET A 152 -17.13 -22.95 -4.31
N ASN A 153 -18.14 -23.74 -3.95
CA ASN A 153 -19.32 -23.20 -3.28
C ASN A 153 -18.89 -22.71 -1.89
N TYR A 154 -17.93 -23.39 -1.31
CA TYR A 154 -17.43 -23.00 0.00
C TYR A 154 -16.68 -21.66 -0.07
N ILE A 155 -15.71 -21.57 -0.99
CA ILE A 155 -14.92 -20.35 -1.12
C ILE A 155 -15.80 -19.16 -1.52
N THR A 156 -16.87 -19.45 -2.25
CA THR A 156 -17.81 -18.43 -2.68
C THR A 156 -18.43 -17.78 -1.44
N ALA A 157 -18.89 -18.60 -0.50
CA ALA A 157 -19.49 -18.09 0.72
C ALA A 157 -18.47 -17.35 1.57
N ILE A 158 -17.26 -17.91 1.66
CA ILE A 158 -16.20 -17.30 2.46
C ILE A 158 -15.84 -15.90 1.96
N ILE A 159 -15.60 -15.77 0.66
CA ILE A 159 -15.26 -14.48 0.08
C ILE A 159 -16.37 -13.46 0.31
N GLU A 160 -17.62 -13.90 0.23
CA GLU A 160 -18.75 -13.00 0.44
C GLU A 160 -18.65 -12.39 1.85
N GLU A 161 -18.21 -13.18 2.82
CA GLU A 161 -18.07 -12.75 4.20
C GLU A 161 -16.83 -11.90 4.45
N GLN A 162 -15.74 -12.25 3.77
CA GLN A 162 -14.47 -11.55 3.93
C GLN A 162 -13.86 -11.29 2.55
N PRO A 163 -14.44 -10.35 1.79
CA PRO A 163 -13.97 -9.99 0.45
C PRO A 163 -12.66 -9.23 0.35
N LYS A 164 -12.10 -8.78 1.47
CA LYS A 164 -10.84 -8.05 1.42
C LYS A 164 -9.65 -8.84 1.93
N ASN A 165 -9.82 -10.15 2.01
CA ASN A 165 -8.78 -11.06 2.49
C ASN A 165 -7.99 -11.63 1.29
N TYR A 166 -6.67 -11.62 1.38
CA TYR A 166 -5.81 -12.12 0.30
C TYR A 166 -5.90 -13.62 0.06
N GLN A 167 -5.89 -14.39 1.15
CA GLN A 167 -5.92 -15.84 1.06
C GLN A 167 -7.18 -16.43 0.39
N VAL A 168 -8.35 -15.89 0.70
CA VAL A 168 -9.56 -16.43 0.11
C VAL A 168 -9.58 -16.27 -1.40
N TRP A 169 -9.12 -15.11 -1.89
CA TRP A 169 -9.09 -14.90 -3.34
C TRP A 169 -8.08 -15.83 -4.01
N HIS A 170 -6.93 -16.03 -3.39
CA HIS A 170 -5.93 -16.92 -3.99
C HIS A 170 -6.42 -18.37 -4.01
N HIS A 171 -7.15 -18.76 -2.96
CA HIS A 171 -7.67 -20.12 -2.90
C HIS A 171 -8.62 -20.34 -4.07
N ARG A 172 -9.47 -19.36 -4.34
CA ARG A 172 -10.43 -19.45 -5.43
C ARG A 172 -9.70 -19.52 -6.77
N ARG A 173 -8.64 -18.74 -6.94
CA ARG A 173 -7.90 -18.77 -8.18
C ARG A 173 -7.34 -20.18 -8.40
N VAL A 174 -6.76 -20.75 -7.35
CA VAL A 174 -6.20 -22.09 -7.45
C VAL A 174 -7.26 -23.09 -7.90
N LEU A 175 -8.45 -23.00 -7.31
CA LEU A 175 -9.55 -23.89 -7.66
C LEU A 175 -9.92 -23.74 -9.14
N VAL A 176 -10.04 -22.51 -9.61
CA VAL A 176 -10.38 -22.28 -11.01
C VAL A 176 -9.29 -22.84 -11.92
N GLU A 177 -8.04 -22.71 -11.48
CA GLU A 177 -6.91 -23.23 -12.24
C GLU A 177 -6.96 -24.77 -12.27
N TRP A 178 -7.28 -25.38 -11.14
CA TRP A 178 -7.34 -26.84 -11.06
C TRP A 178 -8.46 -27.38 -11.93
N LEU A 179 -9.60 -26.70 -11.89
CA LEU A 179 -10.77 -27.09 -12.66
C LEU A 179 -10.70 -26.63 -14.11
N ARG A 180 -9.95 -25.56 -14.35
CA ARG A 180 -9.87 -25.01 -15.71
C ARG A 180 -11.28 -24.59 -16.12
N ASP A 181 -12.09 -24.19 -15.13
CA ASP A 181 -13.47 -23.77 -15.35
C ASP A 181 -13.75 -22.38 -14.78
N PRO A 182 -13.90 -21.38 -15.66
CA PRO A 182 -14.17 -19.99 -15.26
C PRO A 182 -15.62 -19.58 -15.46
N SER A 183 -16.49 -20.56 -15.73
CA SER A 183 -17.89 -20.28 -16.00
C SER A 183 -18.66 -19.51 -14.92
N GLN A 184 -18.21 -19.59 -13.67
CA GLN A 184 -18.90 -18.89 -12.58
C GLN A 184 -18.23 -17.57 -12.19
N GLU A 185 -17.00 -17.37 -12.65
CA GLU A 185 -16.23 -16.19 -12.27
C GLU A 185 -16.79 -14.77 -12.49
N LEU A 186 -17.08 -14.42 -13.73
CA LEU A 186 -17.58 -13.07 -14.00
C LEU A 186 -18.84 -12.71 -13.24
N GLU A 187 -19.73 -13.68 -13.04
CA GLU A 187 -20.96 -13.42 -12.32
C GLU A 187 -20.70 -13.27 -10.82
N PHE A 188 -19.82 -14.11 -10.29
CA PHE A 188 -19.48 -14.05 -8.88
C PHE A 188 -18.80 -12.74 -8.54
N ILE A 189 -17.83 -12.35 -9.35
CA ILE A 189 -17.10 -11.11 -9.13
C ILE A 189 -18.06 -9.92 -9.20
N ALA A 190 -18.97 -9.96 -10.18
CA ALA A 190 -19.95 -8.89 -10.34
C ALA A 190 -20.76 -8.68 -9.06
N ASP A 191 -21.07 -9.78 -8.38
CA ASP A 191 -21.85 -9.68 -7.14
C ASP A 191 -21.02 -9.02 -6.05
N ILE A 192 -19.75 -9.40 -5.95
CA ILE A 192 -18.86 -8.82 -4.95
C ILE A 192 -18.74 -7.32 -5.23
N LEU A 193 -18.52 -6.98 -6.49
CA LEU A 193 -18.39 -5.58 -6.90
C LEU A 193 -19.69 -4.80 -6.72
N ASN A 194 -20.81 -5.51 -6.75
CA ASN A 194 -22.10 -4.85 -6.56
C ASN A 194 -22.18 -4.38 -5.10
N GLN A 195 -21.40 -5.01 -4.24
CA GLN A 195 -21.38 -4.64 -2.82
C GLN A 195 -20.28 -3.62 -2.52
N ASP A 196 -19.19 -3.68 -3.27
CA ASP A 196 -18.06 -2.76 -3.12
C ASP A 196 -17.43 -2.66 -4.51
N ALA A 197 -17.80 -1.62 -5.25
CA ALA A 197 -17.35 -1.43 -6.62
C ALA A 197 -15.85 -1.19 -6.81
N LYS A 198 -15.12 -1.07 -5.71
CA LYS A 198 -13.70 -0.81 -5.81
C LYS A 198 -12.81 -1.87 -5.17
N ASN A 199 -13.42 -2.99 -4.75
CA ASN A 199 -12.66 -4.07 -4.13
C ASN A 199 -11.47 -4.42 -5.03
N TYR A 200 -10.27 -4.09 -4.55
CA TYR A 200 -9.04 -4.33 -5.30
C TYR A 200 -8.83 -5.78 -5.71
N HIS A 201 -9.02 -6.71 -4.77
CA HIS A 201 -8.83 -8.13 -5.06
C HIS A 201 -9.84 -8.64 -6.08
N ALA A 202 -11.07 -8.13 -5.99
CA ALA A 202 -12.12 -8.53 -6.91
C ALA A 202 -11.70 -8.15 -8.33
N TRP A 203 -11.29 -6.91 -8.51
CA TRP A 203 -10.88 -6.44 -9.84
C TRP A 203 -9.66 -7.20 -10.35
N GLN A 204 -8.72 -7.52 -9.46
CA GLN A 204 -7.51 -8.23 -9.85
C GLN A 204 -7.83 -9.64 -10.33
N HIS A 205 -8.72 -10.31 -9.59
CA HIS A 205 -9.13 -11.65 -9.94
C HIS A 205 -9.85 -11.60 -11.29
N ARG A 206 -10.62 -10.54 -11.49
CA ARG A 206 -11.36 -10.37 -12.72
C ARG A 206 -10.44 -10.24 -13.92
N GLN A 207 -9.37 -9.46 -13.79
CA GLN A 207 -8.42 -9.28 -14.89
C GLN A 207 -7.72 -10.61 -15.19
N TRP A 208 -7.41 -11.36 -14.13
CA TRP A 208 -6.74 -12.64 -14.32
C TRP A 208 -7.63 -13.62 -15.09
N VAL A 209 -8.89 -13.75 -14.66
CA VAL A 209 -9.80 -14.68 -15.32
C VAL A 209 -10.00 -14.30 -16.79
N ILE A 210 -10.30 -13.03 -17.04
CA ILE A 210 -10.54 -12.56 -18.39
C ILE A 210 -9.35 -12.83 -19.29
N GLN A 211 -8.16 -12.51 -18.79
CA GLN A 211 -6.95 -12.71 -19.56
C GLN A 211 -6.57 -14.19 -19.72
N GLU A 212 -6.67 -14.94 -18.64
CA GLU A 212 -6.32 -16.37 -18.69
C GLU A 212 -7.27 -17.21 -19.54
N PHE A 213 -8.55 -16.88 -19.52
CA PHE A 213 -9.53 -17.65 -20.28
C PHE A 213 -10.10 -16.90 -21.47
N LYS A 214 -9.50 -15.77 -21.80
CA LYS A 214 -9.92 -14.94 -22.93
C LYS A 214 -11.39 -14.59 -22.94
N LEU A 215 -11.88 -13.99 -21.85
CA LEU A 215 -13.28 -13.61 -21.76
C LEU A 215 -13.42 -12.09 -21.89
N TRP A 216 -13.01 -11.55 -23.03
CA TRP A 216 -13.05 -10.10 -23.27
C TRP A 216 -14.36 -9.57 -23.85
N ASP A 217 -15.09 -10.43 -24.56
CA ASP A 217 -16.31 -10.05 -25.23
C ASP A 217 -17.30 -9.08 -24.60
N ASN A 218 -17.61 -9.23 -23.31
CA ASN A 218 -18.58 -8.34 -22.70
C ASN A 218 -18.05 -7.39 -21.63
N GLU A 219 -16.73 -7.35 -21.43
CA GLU A 219 -16.20 -6.48 -20.39
C GLU A 219 -16.33 -4.98 -20.63
N LEU A 220 -16.24 -4.52 -21.87
CA LEU A 220 -16.37 -3.09 -22.13
C LEU A 220 -17.79 -2.63 -21.81
N GLN A 221 -18.77 -3.51 -22.02
CA GLN A 221 -20.16 -3.19 -21.71
C GLN A 221 -20.30 -3.13 -20.19
N TYR A 222 -19.63 -4.03 -19.50
CA TYR A 222 -19.66 -4.07 -18.04
C TYR A 222 -19.04 -2.78 -17.50
N VAL A 223 -17.94 -2.36 -18.13
CA VAL A 223 -17.25 -1.14 -17.76
C VAL A 223 -18.19 0.07 -17.93
N ASP A 224 -18.83 0.17 -19.10
CA ASP A 224 -19.74 1.28 -19.35
C ASP A 224 -20.88 1.34 -18.34
N GLN A 225 -21.37 0.18 -17.92
CA GLN A 225 -22.47 0.16 -16.96
C GLN A 225 -22.02 0.72 -15.62
N LEU A 226 -20.85 0.30 -15.14
CA LEU A 226 -20.36 0.78 -13.86
C LEU A 226 -19.98 2.28 -13.91
N LEU A 227 -19.53 2.76 -15.06
CA LEU A 227 -19.19 4.17 -15.17
C LEU A 227 -20.45 5.01 -15.10
N LYS A 228 -21.57 4.43 -15.56
CA LYS A 228 -22.86 5.12 -15.52
C LYS A 228 -23.27 5.22 -14.06
N GLU A 229 -23.03 4.15 -13.32
CA GLU A 229 -23.37 4.11 -11.90
C GLU A 229 -22.52 5.09 -11.08
N ASP A 230 -21.22 5.12 -11.36
CA ASP A 230 -20.32 6.05 -10.67
C ASP A 230 -19.15 6.36 -11.58
N VAL A 231 -19.22 7.50 -12.27
CA VAL A 231 -18.19 7.91 -13.20
C VAL A 231 -16.89 8.26 -12.50
N ARG A 232 -16.90 8.32 -11.18
CA ARG A 232 -15.69 8.62 -10.42
C ARG A 232 -14.97 7.36 -9.96
N ASN A 233 -15.47 6.19 -10.36
CA ASN A 233 -14.85 4.94 -9.93
C ASN A 233 -13.56 4.67 -10.71
N ASN A 234 -12.43 5.06 -10.11
CA ASN A 234 -11.13 4.90 -10.73
C ASN A 234 -10.79 3.45 -11.09
N SER A 235 -11.33 2.49 -10.35
CA SER A 235 -11.08 1.09 -10.64
C SER A 235 -11.68 0.73 -12.00
N VAL A 236 -12.82 1.35 -12.32
CA VAL A 236 -13.51 1.10 -13.59
C VAL A 236 -12.78 1.73 -14.77
N TRP A 237 -12.25 2.94 -14.56
CA TRP A 237 -11.51 3.58 -15.63
C TRP A 237 -10.27 2.73 -15.91
N ASN A 238 -9.71 2.13 -14.86
CA ASN A 238 -8.54 1.28 -15.03
C ASN A 238 -8.91 0.03 -15.84
N GLN A 239 -10.07 -0.53 -15.56
CA GLN A 239 -10.53 -1.72 -16.27
C GLN A 239 -10.74 -1.36 -17.74
N ARG A 240 -11.21 -0.14 -17.99
CA ARG A 240 -11.45 0.31 -19.34
C ARG A 240 -10.14 0.28 -20.14
N TYR A 241 -9.08 0.81 -19.55
CA TYR A 241 -7.78 0.81 -20.21
C TYR A 241 -7.33 -0.63 -20.40
N PHE A 242 -7.56 -1.45 -19.38
CA PHE A 242 -7.18 -2.85 -19.41
C PHE A 242 -7.83 -3.57 -20.60
N VAL A 243 -9.14 -3.37 -20.76
CA VAL A 243 -9.87 -4.03 -21.84
C VAL A 243 -9.42 -3.58 -23.23
N ILE A 244 -9.39 -2.27 -23.47
CA ILE A 244 -9.01 -1.73 -24.77
C ILE A 244 -7.57 -2.02 -25.17
N SER A 245 -6.62 -1.84 -24.25
CA SER A 245 -5.23 -2.10 -24.58
C SER A 245 -4.98 -3.56 -24.94
N ASN A 246 -5.81 -4.46 -24.39
CA ASN A 246 -5.67 -5.88 -24.66
C ASN A 246 -6.56 -6.42 -25.79
N THR A 247 -7.40 -5.57 -26.36
CA THR A 247 -8.26 -6.00 -27.45
C THR A 247 -7.90 -5.26 -28.74
N THR A 248 -8.48 -4.08 -28.95
CA THR A 248 -8.18 -3.30 -30.15
C THR A 248 -6.88 -2.54 -30.04
N GLY A 249 -6.52 -2.14 -28.82
CA GLY A 249 -5.32 -1.36 -28.62
C GLY A 249 -5.72 0.07 -28.89
N TYR A 250 -4.82 1.02 -28.68
CA TYR A 250 -5.13 2.43 -28.92
C TYR A 250 -4.49 3.01 -30.18
N ASN A 251 -3.75 2.19 -30.92
CA ASN A 251 -3.10 2.66 -32.14
C ASN A 251 -4.12 2.86 -33.25
N ASP A 252 -5.27 2.21 -33.13
CA ASP A 252 -6.34 2.37 -34.11
C ASP A 252 -6.90 3.76 -33.85
N ARG A 253 -6.66 4.68 -34.79
CA ARG A 253 -7.11 6.06 -34.63
C ARG A 253 -8.61 6.22 -34.44
N ALA A 254 -9.39 5.29 -34.96
CA ALA A 254 -10.84 5.38 -34.77
C ALA A 254 -11.14 5.07 -33.29
N VAL A 255 -10.42 4.10 -32.73
CA VAL A 255 -10.60 3.75 -31.33
C VAL A 255 -10.17 4.90 -30.43
N LEU A 256 -8.99 5.45 -30.69
CA LEU A 256 -8.46 6.55 -29.89
C LEU A 256 -9.40 7.75 -29.90
N GLU A 257 -9.96 8.05 -31.08
CA GLU A 257 -10.89 9.16 -31.22
C GLU A 257 -12.15 8.92 -30.39
N ARG A 258 -12.69 7.71 -30.49
CA ARG A 258 -13.87 7.34 -29.73
C ARG A 258 -13.59 7.55 -28.24
N GLU A 259 -12.43 7.09 -27.79
CA GLU A 259 -12.05 7.22 -26.39
C GLU A 259 -11.87 8.67 -25.97
N VAL A 260 -11.19 9.46 -26.80
CA VAL A 260 -10.98 10.86 -26.46
C VAL A 260 -12.33 11.59 -26.36
N GLN A 261 -13.23 11.31 -27.31
CA GLN A 261 -14.56 11.93 -27.31
C GLN A 261 -15.35 11.50 -26.08
N TYR A 262 -15.32 10.21 -25.79
CA TYR A 262 -16.03 9.68 -24.63
C TYR A 262 -15.53 10.36 -23.35
N THR A 263 -14.21 10.41 -23.19
CA THR A 263 -13.62 11.01 -22.00
C THR A 263 -13.93 12.50 -21.90
N LEU A 264 -13.83 13.21 -23.02
CA LEU A 264 -14.12 14.64 -23.01
C LEU A 264 -15.56 14.90 -22.59
N GLU A 265 -16.49 14.07 -23.04
CA GLU A 265 -17.88 14.26 -22.66
C GLU A 265 -18.06 14.02 -21.15
N MET A 266 -17.35 13.03 -20.61
CA MET A 266 -17.45 12.75 -19.19
C MET A 266 -16.89 13.93 -18.39
N ILE A 267 -15.82 14.53 -18.92
CA ILE A 267 -15.19 15.68 -18.26
C ILE A 267 -16.15 16.86 -18.21
N LYS A 268 -16.83 17.13 -19.32
CA LYS A 268 -17.76 18.25 -19.33
C LYS A 268 -18.98 18.00 -18.43
N LEU A 269 -19.31 16.73 -18.23
CA LEU A 269 -20.42 16.35 -17.36
C LEU A 269 -20.02 16.51 -15.89
N VAL A 270 -18.79 16.12 -15.57
CA VAL A 270 -18.27 16.22 -14.20
C VAL A 270 -16.82 16.73 -14.30
N PRO A 271 -16.66 18.05 -14.52
CA PRO A 271 -15.37 18.75 -14.67
C PRO A 271 -14.33 18.51 -13.58
N HIS A 272 -14.78 18.24 -12.36
CA HIS A 272 -13.83 18.01 -11.27
C HIS A 272 -13.58 16.55 -10.96
N ASN A 273 -14.01 15.66 -11.85
CA ASN A 273 -13.77 14.24 -11.65
C ASN A 273 -12.36 13.97 -12.15
N GLU A 274 -11.43 13.73 -11.23
CA GLU A 274 -10.04 13.50 -11.60
C GLU A 274 -9.77 12.25 -12.45
N SER A 275 -10.51 11.18 -12.21
CA SER A 275 -10.30 9.93 -12.95
C SER A 275 -10.37 10.10 -14.48
N ALA A 276 -11.35 10.87 -14.96
CA ALA A 276 -11.50 11.11 -16.39
C ALA A 276 -10.30 11.88 -16.93
N TRP A 277 -9.87 12.91 -16.21
CA TRP A 277 -8.71 13.69 -16.62
C TRP A 277 -7.46 12.80 -16.71
N ASN A 278 -7.28 11.93 -15.71
CA ASN A 278 -6.12 11.04 -15.70
C ASN A 278 -6.15 10.05 -16.85
N TYR A 279 -7.35 9.57 -17.17
CA TYR A 279 -7.50 8.63 -18.29
C TYR A 279 -7.16 9.35 -19.60
N LEU A 280 -7.64 10.57 -19.74
CA LEU A 280 -7.36 11.34 -20.96
C LEU A 280 -5.86 11.46 -21.18
N LYS A 281 -5.13 11.82 -20.12
CA LYS A 281 -3.68 11.95 -20.23
C LYS A 281 -3.05 10.57 -20.42
N GLY A 282 -3.64 9.57 -19.77
CA GLY A 282 -3.12 8.21 -19.85
C GLY A 282 -3.12 7.61 -21.25
N ILE A 283 -4.15 7.89 -22.04
CA ILE A 283 -4.23 7.32 -23.38
C ILE A 283 -3.50 8.15 -24.43
N LEU A 284 -2.96 9.30 -24.04
CA LEU A 284 -2.27 10.18 -24.99
C LEU A 284 -0.80 10.46 -24.65
N GLN A 285 -0.42 10.25 -23.39
CA GLN A 285 0.94 10.53 -22.94
C GLN A 285 2.09 9.85 -23.68
N ASP A 286 1.94 8.58 -24.01
CA ASP A 286 3.03 7.87 -24.67
C ASP A 286 3.39 8.43 -26.04
N ARG A 287 2.40 8.88 -26.79
CA ARG A 287 2.67 9.46 -28.09
C ARG A 287 3.14 10.89 -27.93
N GLY A 288 2.65 11.55 -26.89
CA GLY A 288 3.04 12.93 -26.64
C GLY A 288 1.84 13.84 -26.74
N LEU A 289 1.54 14.54 -25.65
CA LEU A 289 0.39 15.44 -25.62
C LEU A 289 0.45 16.53 -26.67
N SER A 290 1.65 16.98 -27.05
CA SER A 290 1.78 18.03 -28.04
C SER A 290 1.41 17.52 -29.44
N LYS A 291 1.24 16.21 -29.57
CA LYS A 291 0.89 15.59 -30.85
C LYS A 291 -0.57 15.81 -31.24
N TYR A 292 -1.37 16.33 -30.30
CA TYR A 292 -2.79 16.55 -30.57
C TYR A 292 -3.15 18.04 -30.48
N PRO A 293 -2.79 18.80 -31.51
CA PRO A 293 -3.07 20.24 -31.56
C PRO A 293 -4.51 20.67 -31.26
N ASN A 294 -5.48 19.91 -31.75
CA ASN A 294 -6.87 20.27 -31.50
C ASN A 294 -7.27 20.17 -30.04
N LEU A 295 -6.63 19.26 -29.31
CA LEU A 295 -6.94 19.10 -27.89
C LEU A 295 -6.60 20.36 -27.11
N LEU A 296 -5.45 20.96 -27.41
CA LEU A 296 -5.03 22.18 -26.73
C LEU A 296 -6.07 23.29 -26.91
N ASN A 297 -6.56 23.45 -28.13
CA ASN A 297 -7.55 24.49 -28.42
C ASN A 297 -8.87 24.21 -27.71
N GLN A 298 -9.32 22.97 -27.75
CA GLN A 298 -10.56 22.63 -27.10
C GLN A 298 -10.49 22.81 -25.60
N LEU A 299 -9.31 22.58 -25.02
CA LEU A 299 -9.15 22.76 -23.58
C LEU A 299 -9.07 24.25 -23.28
N LEU A 300 -8.44 24.99 -24.19
CA LEU A 300 -8.30 26.43 -24.04
C LEU A 300 -9.65 27.14 -24.07
N ASP A 301 -10.59 26.61 -24.84
CA ASP A 301 -11.91 27.23 -24.91
C ASP A 301 -12.68 27.01 -23.60
N LEU A 302 -12.47 25.86 -22.97
CA LEU A 302 -13.14 25.55 -21.72
C LEU A 302 -12.49 26.29 -20.55
N GLN A 303 -11.29 26.79 -20.80
CA GLN A 303 -10.52 27.51 -19.79
C GLN A 303 -11.37 28.39 -18.86
N PRO A 304 -12.03 29.43 -19.40
CA PRO A 304 -12.84 30.30 -18.54
C PRO A 304 -14.08 29.62 -17.97
N SER A 305 -14.88 29.04 -18.85
CA SER A 305 -16.14 28.39 -18.47
C SER A 305 -16.02 26.90 -18.14
N HIS A 306 -15.01 26.49 -17.38
CA HIS A 306 -14.84 25.09 -17.04
C HIS A 306 -13.53 24.83 -16.31
N SER A 307 -12.76 25.89 -16.10
CA SER A 307 -11.47 25.78 -15.44
C SER A 307 -11.49 24.89 -14.20
N SER A 308 -10.30 24.55 -13.75
CA SER A 308 -10.10 23.71 -12.57
C SER A 308 -8.62 23.40 -12.55
N PRO A 309 -8.09 23.00 -11.39
CA PRO A 309 -6.66 22.69 -11.38
C PRO A 309 -6.33 21.57 -12.37
N TYR A 310 -7.29 20.70 -12.65
CA TYR A 310 -7.07 19.60 -13.58
C TYR A 310 -6.84 20.10 -15.01
N LEU A 311 -7.65 21.07 -15.44
CA LEU A 311 -7.53 21.63 -16.78
C LEU A 311 -6.22 22.40 -16.91
N ILE A 312 -5.94 23.25 -15.93
CA ILE A 312 -4.73 24.06 -15.92
C ILE A 312 -3.49 23.17 -15.91
N ALA A 313 -3.53 22.11 -15.12
CA ALA A 313 -2.42 21.17 -15.02
C ALA A 313 -2.23 20.46 -16.35
N PHE A 314 -3.33 20.09 -17.00
CA PHE A 314 -3.24 19.41 -18.27
C PHE A 314 -2.58 20.35 -19.29
N LEU A 315 -2.91 21.63 -19.24
CA LEU A 315 -2.32 22.61 -20.15
C LEU A 315 -0.81 22.66 -19.97
N VAL A 316 -0.35 22.61 -18.72
CA VAL A 316 1.09 22.64 -18.47
C VAL A 316 1.72 21.39 -19.06
N ASP A 317 1.06 20.25 -18.90
CA ASP A 317 1.58 18.99 -19.44
C ASP A 317 1.73 19.11 -20.96
N ILE A 318 0.76 19.76 -21.61
CA ILE A 318 0.83 19.95 -23.05
C ILE A 318 2.02 20.85 -23.39
N TYR A 319 2.14 21.97 -22.69
CA TYR A 319 3.24 22.89 -22.94
C TYR A 319 4.59 22.21 -22.73
N GLU A 320 4.67 21.35 -21.72
CA GLU A 320 5.91 20.62 -21.43
C GLU A 320 6.34 19.80 -22.63
N ASP A 321 5.40 19.02 -23.16
CA ASP A 321 5.68 18.16 -24.30
C ASP A 321 6.01 18.98 -25.54
N MET A 322 5.29 20.09 -25.72
CA MET A 322 5.54 20.97 -26.87
C MET A 322 6.98 21.45 -26.87
N LEU A 323 7.43 21.96 -25.72
CA LEU A 323 8.80 22.47 -25.59
C LEU A 323 9.83 21.38 -25.79
N GLU A 324 9.45 20.15 -25.46
CA GLU A 324 10.33 19.00 -25.59
C GLU A 324 10.46 18.58 -27.06
N ASN A 325 9.57 19.08 -27.89
CA ASN A 325 9.57 18.73 -29.32
C ASN A 325 9.86 19.88 -30.26
N GLN A 326 10.70 20.82 -29.83
CA GLN A 326 11.08 21.94 -30.67
C GLN A 326 9.87 22.63 -31.30
N CYS A 327 8.95 23.08 -30.48
CA CYS A 327 7.75 23.74 -30.97
C CYS A 327 8.08 25.15 -31.46
N ASP A 328 7.13 25.74 -32.17
CA ASP A 328 7.30 27.10 -32.69
C ASP A 328 6.93 28.03 -31.54
N ASN A 329 7.52 29.24 -31.54
CA ASN A 329 7.23 30.20 -30.49
C ASN A 329 7.61 29.65 -29.12
N LYS A 330 8.80 29.07 -29.03
CA LYS A 330 9.33 28.48 -27.82
C LYS A 330 9.20 29.43 -26.63
N GLU A 331 9.71 30.65 -26.79
CA GLU A 331 9.66 31.64 -25.72
C GLU A 331 8.24 31.88 -25.22
N ASP A 332 7.29 31.98 -26.15
CA ASP A 332 5.90 32.23 -25.77
C ASP A 332 5.31 31.04 -25.00
N ILE A 333 5.62 29.83 -25.46
CA ILE A 333 5.11 28.65 -24.81
C ILE A 333 5.70 28.53 -23.41
N LEU A 334 6.99 28.82 -23.29
CA LEU A 334 7.66 28.75 -22.00
C LEU A 334 7.02 29.72 -21.00
N ASN A 335 6.79 30.96 -21.44
CA ASN A 335 6.19 31.96 -20.56
C ASN A 335 4.80 31.54 -20.10
N LYS A 336 4.01 30.96 -21.02
CA LYS A 336 2.67 30.51 -20.69
C LYS A 336 2.77 29.44 -19.61
N ALA A 337 3.61 28.44 -19.87
CA ALA A 337 3.80 27.34 -18.93
C ALA A 337 4.24 27.82 -17.56
N LEU A 338 5.21 28.74 -17.53
CA LEU A 338 5.70 29.26 -16.27
C LEU A 338 4.61 30.02 -15.52
N GLU A 339 3.80 30.77 -16.26
CA GLU A 339 2.69 31.51 -15.67
C GLU A 339 1.70 30.56 -15.00
N LEU A 340 1.40 29.46 -15.67
CA LEU A 340 0.45 28.48 -15.14
C LEU A 340 1.01 27.76 -13.92
N CYS A 341 2.30 27.45 -13.93
CA CYS A 341 2.94 26.78 -12.80
C CYS A 341 2.82 27.68 -11.56
N GLU A 342 2.99 28.98 -11.76
CA GLU A 342 2.91 29.96 -10.68
C GLU A 342 1.48 30.01 -10.14
N ILE A 343 0.51 30.04 -11.06
CA ILE A 343 -0.90 30.09 -10.69
C ILE A 343 -1.30 28.85 -9.90
N LEU A 344 -0.82 27.69 -10.34
CA LEU A 344 -1.13 26.45 -9.66
C LEU A 344 -0.46 26.45 -8.28
N ALA A 345 0.78 26.89 -8.23
CA ALA A 345 1.53 26.90 -6.98
C ALA A 345 0.97 27.86 -5.94
N LYS A 346 0.57 29.05 -6.38
CA LYS A 346 0.07 30.10 -5.50
C LYS A 346 -1.43 30.12 -5.22
N GLU A 347 -2.24 29.66 -6.16
CA GLU A 347 -3.68 29.73 -5.95
C GLU A 347 -4.55 28.51 -6.21
N LYS A 348 -4.43 27.94 -7.40
CA LYS A 348 -5.27 26.82 -7.80
C LYS A 348 -4.91 25.40 -7.35
N ASP A 349 -3.65 25.18 -6.98
CA ASP A 349 -3.27 23.84 -6.56
C ASP A 349 -2.12 23.93 -5.55
N THR A 350 -2.33 24.77 -4.54
CA THR A 350 -1.33 25.03 -3.51
C THR A 350 -0.83 23.80 -2.76
N ILE A 351 -1.66 22.78 -2.63
CA ILE A 351 -1.22 21.59 -1.91
C ILE A 351 -0.01 21.00 -2.64
N ARG A 352 0.11 21.31 -3.94
CA ARG A 352 1.21 20.82 -4.75
C ARG A 352 2.20 21.91 -5.13
N LYS A 353 2.30 22.94 -4.28
CA LYS A 353 3.20 24.05 -4.53
C LYS A 353 4.65 23.61 -4.80
N GLU A 354 5.17 22.66 -4.04
CA GLU A 354 6.54 22.21 -4.24
C GLU A 354 6.71 21.53 -5.58
N TYR A 355 5.70 20.76 -5.99
CA TYR A 355 5.77 20.07 -7.26
C TYR A 355 5.77 21.08 -8.41
N TRP A 356 4.85 22.05 -8.36
CA TRP A 356 4.76 23.05 -9.42
C TRP A 356 6.00 23.95 -9.51
N ARG A 357 6.60 24.27 -8.37
CA ARG A 357 7.82 25.09 -8.37
C ARG A 357 8.90 24.28 -9.06
N TYR A 358 8.93 22.98 -8.76
CA TYR A 358 9.90 22.07 -9.35
C TYR A 358 9.72 22.08 -10.87
N ILE A 359 8.47 21.92 -11.32
CA ILE A 359 8.17 21.92 -12.74
C ILE A 359 8.62 23.23 -13.38
N GLY A 360 8.40 24.34 -12.68
CA GLY A 360 8.81 25.63 -13.20
C GLY A 360 10.31 25.66 -13.42
N ARG A 361 11.07 25.23 -12.41
CA ARG A 361 12.51 25.19 -12.51
C ARG A 361 13.00 24.21 -13.59
N SER A 362 12.33 23.07 -13.74
CA SER A 362 12.72 22.08 -14.75
C SER A 362 12.56 22.69 -16.14
N LEU A 363 11.40 23.30 -16.37
CA LEU A 363 11.12 23.95 -17.65
C LEU A 363 12.21 24.94 -18.02
N GLN A 364 12.66 25.72 -17.04
CA GLN A 364 13.71 26.70 -17.25
C GLN A 364 15.09 26.08 -17.52
N SER A 365 15.39 24.96 -16.86
CA SER A 365 16.69 24.33 -17.06
C SER A 365 16.78 23.61 -18.41
N LYS A 366 15.61 23.30 -18.98
CA LYS A 366 15.55 22.61 -20.26
C LYS A 366 15.31 23.50 -21.46
N HIS A 367 14.63 24.63 -21.28
CA HIS A 367 14.34 25.49 -22.42
C HIS A 367 14.61 26.98 -22.26
N PRO B 17 4.18 35.55 18.09
CA PRO B 17 4.27 34.97 19.45
C PRO B 17 4.61 33.49 19.34
N VAL B 18 5.53 33.02 20.17
CA VAL B 18 5.94 31.62 20.15
C VAL B 18 4.82 30.67 20.59
N TRP B 19 3.79 31.21 21.23
CA TRP B 19 2.69 30.38 21.70
C TRP B 19 1.51 30.29 20.74
N SER B 20 1.70 30.76 19.50
CA SER B 20 0.66 30.69 18.50
C SER B 20 1.33 30.39 17.17
N GLU B 21 0.82 29.39 16.46
CA GLU B 21 1.39 29.04 15.17
C GLU B 21 0.32 28.83 14.12
N PRO B 22 0.24 29.75 13.14
CA PRO B 22 -0.73 29.71 12.05
C PRO B 22 -0.65 28.38 11.32
N LEU B 23 -1.80 27.81 10.96
CA LEU B 23 -1.83 26.54 10.26
C LEU B 23 -2.43 26.65 8.86
N TYR B 24 -1.82 25.93 7.92
CA TYR B 24 -2.25 25.89 6.53
C TYR B 24 -3.74 25.52 6.42
N SER B 25 -4.12 24.46 7.12
CA SER B 25 -5.49 23.98 7.09
C SER B 25 -6.50 24.93 7.68
N LEU B 26 -6.04 25.90 8.46
CA LEU B 26 -6.95 26.86 9.08
C LEU B 26 -7.04 28.21 8.38
N ARG B 27 -6.32 28.37 7.27
CA ARG B 27 -6.37 29.62 6.52
C ARG B 27 -7.78 29.77 5.96
N PRO B 28 -8.25 31.02 5.77
CA PRO B 28 -9.60 31.22 5.23
C PRO B 28 -9.77 30.70 3.80
N GLU B 29 -8.71 30.78 3.01
CA GLU B 29 -8.79 30.31 1.62
C GLU B 29 -8.90 28.80 1.58
N HIS B 30 -8.55 28.12 2.67
CA HIS B 30 -8.61 26.68 2.67
C HIS B 30 -10.00 26.13 2.42
N ALA B 31 -11.03 26.89 2.79
CA ALA B 31 -12.41 26.46 2.59
C ALA B 31 -12.67 26.24 1.10
N ARG B 32 -11.88 26.91 0.26
CA ARG B 32 -12.05 26.76 -1.19
C ARG B 32 -11.62 25.39 -1.68
N GLU B 33 -10.85 24.67 -0.85
CA GLU B 33 -10.37 23.35 -1.23
C GLU B 33 -11.40 22.24 -1.02
N ARG B 34 -12.59 22.61 -0.54
CA ARG B 34 -13.66 21.65 -0.32
C ARG B 34 -14.08 21.08 -1.66
N LEU B 35 -14.52 19.83 -1.65
CA LEU B 35 -14.96 19.13 -2.85
C LEU B 35 -15.99 19.89 -3.69
N GLN B 36 -15.82 19.83 -5.01
CA GLN B 36 -16.77 20.44 -5.93
C GLN B 36 -17.33 19.24 -6.68
N ASP B 37 -18.54 18.81 -6.31
CA ASP B 37 -19.13 17.65 -6.96
C ASP B 37 -19.88 17.92 -8.26
N ASP B 38 -19.77 19.15 -8.77
CA ASP B 38 -20.43 19.53 -10.02
C ASP B 38 -21.92 19.21 -10.04
N SER B 39 -22.53 19.13 -8.86
CA SER B 39 -23.96 18.83 -8.75
C SER B 39 -24.28 17.44 -9.30
N VAL B 40 -23.29 16.56 -9.34
CA VAL B 40 -23.50 15.20 -9.82
C VAL B 40 -22.99 14.27 -8.73
N GLU B 41 -23.93 13.73 -7.96
CA GLU B 41 -23.59 12.86 -6.85
C GLU B 41 -23.49 11.38 -7.20
N THR B 42 -22.46 10.73 -6.68
CA THR B 42 -22.25 9.31 -6.85
C THR B 42 -21.70 8.86 -5.51
N VAL B 43 -21.68 7.56 -5.27
CA VAL B 43 -21.16 7.05 -4.01
C VAL B 43 -19.82 7.67 -3.67
N THR B 44 -18.98 7.86 -4.68
CA THR B 44 -17.66 8.45 -4.46
C THR B 44 -17.69 9.85 -3.86
N SER B 45 -18.41 10.77 -4.48
CA SER B 45 -18.46 12.14 -3.97
C SER B 45 -19.14 12.22 -2.60
N ILE B 46 -20.17 11.40 -2.40
CA ILE B 46 -20.89 11.39 -1.13
C ILE B 46 -19.96 10.99 0.02
N GLU B 47 -19.17 9.95 -0.19
CA GLU B 47 -18.25 9.49 0.85
C GLU B 47 -17.15 10.51 1.09
N GLN B 48 -16.66 11.12 0.02
CA GLN B 48 -15.61 12.13 0.14
C GLN B 48 -16.16 13.33 0.93
N ALA B 49 -17.37 13.75 0.61
CA ALA B 49 -17.97 14.88 1.30
C ALA B 49 -18.15 14.61 2.79
N LYS B 50 -18.51 13.38 3.14
CA LYS B 50 -18.68 13.03 4.55
C LYS B 50 -17.38 13.18 5.32
N VAL B 51 -16.30 12.67 4.74
CA VAL B 51 -15.00 12.76 5.39
C VAL B 51 -14.62 14.22 5.56
N GLU B 52 -14.79 15.01 4.50
CA GLU B 52 -14.44 16.42 4.56
C GLU B 52 -15.20 17.18 5.63
N GLU B 53 -16.49 16.85 5.79
CA GLU B 53 -17.30 17.52 6.79
C GLU B 53 -16.75 17.25 8.19
N LYS B 54 -16.42 15.98 8.46
CA LYS B 54 -15.86 15.60 9.75
C LYS B 54 -14.49 16.25 10.00
N ILE B 55 -13.64 16.25 8.97
CA ILE B 55 -12.31 16.85 9.09
C ILE B 55 -12.38 18.35 9.34
N GLN B 56 -13.34 19.03 8.72
CA GLN B 56 -13.48 20.47 8.93
C GLN B 56 -13.80 20.75 10.41
N GLU B 57 -14.64 19.91 11.00
CA GLU B 57 -15.02 20.05 12.41
C GLU B 57 -13.78 19.90 13.27
N VAL B 58 -12.94 18.91 12.94
CA VAL B 58 -11.72 18.68 13.68
C VAL B 58 -10.80 19.89 13.56
N PHE B 59 -10.55 20.33 12.34
CA PHE B 59 -9.69 21.49 12.07
C PHE B 59 -10.14 22.69 12.90
N SER B 60 -11.44 22.97 12.89
CA SER B 60 -11.98 24.10 13.64
C SER B 60 -11.78 24.02 15.14
N SER B 61 -11.69 22.80 15.68
CA SER B 61 -11.52 22.66 17.12
C SER B 61 -10.13 23.07 17.59
N TYR B 62 -9.20 23.27 16.66
CA TYR B 62 -7.85 23.69 17.01
C TYR B 62 -7.61 25.17 16.79
N LYS B 63 -8.67 25.87 16.38
CA LYS B 63 -8.57 27.31 16.13
C LYS B 63 -9.50 28.09 17.04
N PHE B 64 -8.96 29.14 17.66
CA PHE B 64 -9.74 29.99 18.54
C PHE B 64 -9.54 31.41 18.03
N ASN B 65 -10.19 31.69 16.90
CA ASN B 65 -10.05 32.96 16.22
C ASN B 65 -8.58 33.16 15.87
N HIS B 66 -7.97 34.25 16.32
CA HIS B 66 -6.58 34.49 15.99
C HIS B 66 -5.61 33.70 16.87
N LEU B 67 -6.13 33.02 17.88
CA LEU B 67 -5.28 32.21 18.76
C LEU B 67 -5.24 30.78 18.20
N VAL B 68 -4.04 30.32 17.84
CA VAL B 68 -3.86 28.98 17.29
C VAL B 68 -2.72 28.27 18.02
N PRO B 69 -3.03 27.60 19.15
CA PRO B 69 -2.04 26.88 19.95
C PRO B 69 -1.23 25.86 19.16
N ARG B 70 0.05 25.72 19.51
CA ARG B 70 0.92 24.76 18.83
C ARG B 70 0.39 23.34 18.98
N LEU B 71 0.49 22.57 17.90
CA LEU B 71 0.02 21.19 17.90
C LEU B 71 0.97 20.34 18.73
N VAL B 72 0.42 19.32 19.38
CA VAL B 72 1.21 18.44 20.23
C VAL B 72 1.06 16.96 19.92
N LEU B 73 2.18 16.27 19.71
CA LEU B 73 2.19 14.84 19.47
C LEU B 73 2.15 14.23 20.87
N GLN B 74 1.11 13.46 21.19
CA GLN B 74 0.97 12.85 22.51
C GLN B 74 1.91 11.67 22.77
N ARG B 75 3.20 11.96 22.81
CA ARG B 75 4.25 10.97 23.05
C ARG B 75 3.99 9.94 24.15
N GLU B 76 3.82 10.43 25.37
CA GLU B 76 3.61 9.52 26.50
C GLU B 76 2.41 8.61 26.35
N LYS B 77 1.30 9.12 25.82
CA LYS B 77 0.11 8.27 25.65
C LYS B 77 0.43 7.18 24.63
N HIS B 78 1.09 7.57 23.53
CA HIS B 78 1.45 6.61 22.50
C HIS B 78 2.42 5.58 23.07
N PHE B 79 3.37 6.05 23.87
CA PHE B 79 4.36 5.19 24.49
C PHE B 79 3.75 4.10 25.37
N HIS B 80 2.79 4.47 26.22
CA HIS B 80 2.18 3.49 27.09
C HIS B 80 1.35 2.46 26.32
N TYR B 81 0.72 2.92 25.24
CA TYR B 81 -0.08 2.04 24.39
C TYR B 81 0.85 1.02 23.71
N LEU B 82 1.99 1.51 23.22
CA LEU B 82 2.98 0.66 22.55
C LEU B 82 3.65 -0.33 23.51
N LYS B 83 4.07 0.17 24.68
CA LYS B 83 4.73 -0.65 25.68
C LYS B 83 3.84 -1.83 26.09
N ARG B 84 2.57 -1.54 26.31
CA ARG B 84 1.60 -2.54 26.69
C ARG B 84 1.42 -3.60 25.58
N GLY B 85 1.23 -3.14 24.35
CA GLY B 85 1.03 -4.05 23.24
C GLY B 85 2.20 -4.99 22.95
N LEU B 86 3.40 -4.55 23.30
CA LEU B 86 4.59 -5.35 23.05
C LEU B 86 4.62 -6.65 23.85
N ARG B 87 3.89 -6.71 24.97
CA ARG B 87 3.85 -7.94 25.77
C ARG B 87 2.56 -8.72 25.53
N GLN B 88 1.42 -8.06 25.62
CA GLN B 88 0.14 -8.75 25.44
C GLN B 88 -0.86 -8.00 24.58
N LEU B 89 -1.86 -8.75 24.10
CA LEU B 89 -2.91 -8.21 23.26
C LEU B 89 -4.23 -8.93 23.57
N THR B 90 -5.34 -8.22 23.36
CA THR B 90 -6.65 -8.80 23.60
C THR B 90 -6.99 -9.72 22.42
N ASP B 91 -8.02 -10.55 22.57
CA ASP B 91 -8.40 -11.45 21.49
C ASP B 91 -8.81 -10.68 20.26
N ALA B 92 -8.88 -9.36 20.38
CA ALA B 92 -9.24 -8.52 19.25
C ALA B 92 -8.15 -8.67 18.20
N TYR B 93 -6.99 -9.19 18.62
CA TYR B 93 -5.87 -9.37 17.71
C TYR B 93 -5.73 -10.81 17.22
N GLU B 94 -6.78 -11.60 17.38
CA GLU B 94 -6.74 -12.97 16.91
C GLU B 94 -6.66 -12.96 15.38
N CYS B 95 -7.19 -11.89 14.76
CA CYS B 95 -7.18 -11.75 13.31
C CYS B 95 -5.76 -11.53 12.79
N LEU B 96 -4.83 -11.29 13.70
CA LEU B 96 -3.43 -11.07 13.33
C LEU B 96 -2.52 -12.14 13.91
N ASP B 97 -3.10 -13.30 14.19
CA ASP B 97 -2.34 -14.42 14.76
C ASP B 97 -1.31 -14.98 13.77
N ALA B 98 -1.47 -14.64 12.49
CA ALA B 98 -0.52 -15.10 11.48
C ALA B 98 0.34 -13.92 11.01
N SER B 99 0.44 -12.90 11.86
CA SER B 99 1.22 -11.69 11.56
C SER B 99 1.91 -11.15 12.81
N ARG B 100 2.26 -12.02 13.75
CA ARG B 100 2.88 -11.52 14.97
C ARG B 100 4.23 -10.82 14.78
N PRO B 101 5.03 -11.23 13.78
CA PRO B 101 6.29 -10.52 13.63
C PRO B 101 5.99 -9.07 13.21
N TRP B 102 4.84 -8.87 12.56
CA TRP B 102 4.45 -7.53 12.14
C TRP B 102 4.16 -6.69 13.37
N LEU B 103 3.47 -7.27 14.34
CA LEU B 103 3.15 -6.55 15.57
C LEU B 103 4.46 -6.12 16.24
N CYS B 104 5.44 -7.01 16.23
CA CYS B 104 6.74 -6.70 16.83
C CYS B 104 7.38 -5.50 16.11
N TYR B 105 7.41 -5.57 14.79
CA TYR B 105 8.00 -4.50 13.98
C TYR B 105 7.28 -3.17 14.12
N TRP B 106 5.97 -3.18 13.95
CA TRP B 106 5.19 -1.96 14.07
C TRP B 106 5.42 -1.28 15.42
N ILE B 107 5.42 -2.07 16.49
CA ILE B 107 5.62 -1.53 17.83
C ILE B 107 7.05 -1.05 18.09
N LEU B 108 8.03 -1.85 17.71
CA LEU B 108 9.42 -1.46 17.91
C LEU B 108 9.81 -0.23 17.10
N HIS B 109 9.34 -0.16 15.85
CA HIS B 109 9.66 0.99 15.01
C HIS B 109 8.97 2.26 15.51
N SER B 110 7.80 2.09 16.12
CA SER B 110 7.07 3.23 16.66
C SER B 110 7.85 3.80 17.85
N LEU B 111 8.31 2.89 18.72
CA LEU B 111 9.10 3.28 19.90
C LEU B 111 10.39 3.93 19.43
N GLU B 112 11.00 3.33 18.43
CA GLU B 112 12.23 3.86 17.86
C GLU B 112 12.02 5.29 17.36
N LEU B 113 10.94 5.52 16.62
CA LEU B 113 10.66 6.84 16.10
C LEU B 113 10.43 7.84 17.25
N LEU B 114 9.82 7.35 18.32
CA LEU B 114 9.52 8.15 19.49
C LEU B 114 10.73 8.27 20.40
N ASP B 115 11.84 7.66 19.99
CA ASP B 115 13.08 7.70 20.75
C ASP B 115 12.88 7.15 22.18
N GLU B 116 12.10 6.07 22.28
CA GLU B 116 11.84 5.42 23.55
C GLU B 116 12.74 4.21 23.61
N PRO B 117 13.69 4.19 24.56
CA PRO B 117 14.61 3.07 24.69
C PRO B 117 13.92 1.72 24.87
N ILE B 118 14.57 0.67 24.36
CA ILE B 118 14.05 -0.68 24.46
C ILE B 118 14.85 -1.43 25.53
N PRO B 119 14.19 -1.83 26.63
CA PRO B 119 14.85 -2.56 27.72
C PRO B 119 15.55 -3.81 27.18
N GLN B 120 16.74 -4.09 27.68
CA GLN B 120 17.52 -5.26 27.25
C GLN B 120 16.70 -6.56 27.40
N ILE B 121 15.93 -6.64 28.47
CA ILE B 121 15.10 -7.82 28.73
C ILE B 121 14.05 -7.98 27.63
N VAL B 122 13.42 -6.88 27.26
CA VAL B 122 12.40 -6.88 26.23
C VAL B 122 13.03 -7.24 24.88
N ALA B 123 14.20 -6.68 24.60
CA ALA B 123 14.90 -6.93 23.35
C ALA B 123 15.23 -8.40 23.18
N THR B 124 15.78 -9.01 24.22
CA THR B 124 16.14 -10.42 24.17
C THR B 124 14.89 -11.29 24.05
N ASP B 125 13.80 -10.91 24.71
CA ASP B 125 12.57 -11.67 24.60
C ASP B 125 12.03 -11.62 23.16
N VAL B 126 12.11 -10.45 22.54
CA VAL B 126 11.65 -10.30 21.17
C VAL B 126 12.49 -11.20 20.28
N CYS B 127 13.81 -11.15 20.47
CA CYS B 127 14.72 -11.99 19.69
C CYS B 127 14.32 -13.47 19.82
N GLN B 128 14.12 -13.92 21.06
CA GLN B 128 13.75 -15.32 21.29
C GLN B 128 12.44 -15.67 20.59
N PHE B 129 11.46 -14.78 20.68
CA PHE B 129 10.18 -15.03 20.02
C PHE B 129 10.32 -15.12 18.50
N LEU B 130 11.06 -14.19 17.90
CA LEU B 130 11.25 -14.20 16.46
C LEU B 130 12.02 -15.44 16.03
N GLU B 131 12.84 -15.96 16.94
CA GLU B 131 13.61 -17.17 16.63
C GLU B 131 12.63 -18.33 16.51
N LEU B 132 11.63 -18.34 17.40
CA LEU B 132 10.62 -19.37 17.40
C LEU B 132 9.73 -19.29 16.16
N CYS B 133 9.66 -18.10 15.57
CA CYS B 133 8.85 -17.90 14.37
C CYS B 133 9.62 -18.29 13.11
N GLN B 134 10.94 -18.40 13.23
CA GLN B 134 11.76 -18.74 12.07
C GLN B 134 11.60 -20.19 11.64
N SER B 135 11.38 -20.39 10.35
CA SER B 135 11.19 -21.72 9.81
C SER B 135 12.49 -22.44 9.47
N PRO B 136 12.52 -23.76 9.67
CA PRO B 136 13.73 -24.52 9.36
C PRO B 136 14.03 -24.48 7.86
N GLU B 137 13.04 -24.14 7.05
CA GLU B 137 13.25 -24.05 5.61
C GLU B 137 13.73 -22.65 5.22
N GLY B 138 13.79 -21.76 6.19
CA GLY B 138 14.22 -20.39 5.93
C GLY B 138 13.06 -19.42 5.96
N GLY B 139 13.34 -18.18 6.35
CA GLY B 139 12.28 -17.19 6.42
C GLY B 139 11.54 -17.31 7.74
N PHE B 140 10.62 -16.37 7.98
CA PHE B 140 9.84 -16.38 9.22
C PHE B 140 8.36 -16.54 8.92
N GLY B 141 7.64 -17.18 9.84
CA GLY B 141 6.21 -17.37 9.67
C GLY B 141 5.47 -16.41 10.58
N GLY B 142 4.14 -16.41 10.50
CA GLY B 142 3.33 -15.50 11.30
C GLY B 142 3.31 -15.80 12.79
N GLY B 143 3.89 -16.94 13.17
CA GLY B 143 3.92 -17.33 14.57
C GLY B 143 4.71 -18.63 14.69
N PRO B 144 4.97 -19.11 15.91
CA PRO B 144 5.71 -20.36 16.05
C PRO B 144 5.03 -21.53 15.34
N GLY B 145 5.79 -22.24 14.51
CA GLY B 145 5.24 -23.39 13.80
C GLY B 145 4.52 -23.10 12.50
N GLN B 146 4.30 -21.84 12.19
CA GLN B 146 3.63 -21.49 10.94
C GLN B 146 4.63 -21.52 9.77
N TYR B 147 4.12 -21.74 8.56
CA TYR B 147 4.98 -21.78 7.38
C TYR B 147 5.56 -20.38 7.17
N PRO B 148 6.77 -20.30 6.58
CA PRO B 148 7.37 -18.98 6.36
C PRO B 148 6.54 -18.23 5.31
N HIS B 149 6.62 -16.90 5.34
CA HIS B 149 5.86 -16.06 4.42
C HIS B 149 6.69 -14.78 4.30
N LEU B 150 6.78 -14.23 3.09
CA LEU B 150 7.59 -13.03 2.88
C LEU B 150 7.20 -11.81 3.70
N ALA B 151 5.90 -11.64 3.97
CA ALA B 151 5.47 -10.48 4.75
C ALA B 151 6.03 -10.54 6.16
N PRO B 152 5.73 -11.60 6.94
CA PRO B 152 6.30 -11.62 8.29
C PRO B 152 7.84 -11.73 8.30
N THR B 153 8.41 -12.25 7.21
CA THR B 153 9.86 -12.37 7.10
C THR B 153 10.44 -10.96 7.04
N TYR B 154 9.83 -10.12 6.22
CA TYR B 154 10.23 -8.73 6.08
C TYR B 154 10.14 -8.02 7.45
N ALA B 155 9.03 -8.25 8.13
CA ALA B 155 8.78 -7.64 9.45
C ALA B 155 9.78 -8.09 10.50
N ALA B 156 10.04 -9.39 10.55
CA ALA B 156 10.96 -9.95 11.52
C ALA B 156 12.38 -9.40 11.33
N VAL B 157 12.84 -9.38 10.08
CA VAL B 157 14.18 -8.89 9.79
C VAL B 157 14.31 -7.42 10.22
N ASN B 158 13.31 -6.61 9.89
CA ASN B 158 13.34 -5.20 10.28
C ASN B 158 13.37 -5.07 11.80
N ALA B 159 12.56 -5.87 12.49
CA ALA B 159 12.50 -5.84 13.94
C ALA B 159 13.86 -6.16 14.55
N LEU B 160 14.49 -7.23 14.04
CA LEU B 160 15.79 -7.64 14.52
C LEU B 160 16.82 -6.55 14.26
N CYS B 161 16.66 -5.82 13.16
CA CYS B 161 17.59 -4.75 12.83
C CYS B 161 17.37 -3.53 13.72
N ILE B 162 16.12 -3.28 14.11
CA ILE B 162 15.84 -2.15 14.99
C ILE B 162 16.53 -2.42 16.34
N ILE B 163 16.48 -3.67 16.80
CA ILE B 163 17.13 -4.04 18.05
C ILE B 163 18.63 -3.85 17.88
N GLY B 164 19.13 -4.24 16.70
CA GLY B 164 20.53 -4.05 16.36
C GLY B 164 21.66 -4.68 17.17
N THR B 165 21.38 -5.71 17.95
CA THR B 165 22.44 -6.35 18.71
C THR B 165 22.95 -7.55 17.92
N GLU B 166 24.15 -8.01 18.22
CA GLU B 166 24.69 -9.17 17.51
C GLU B 166 23.78 -10.35 17.77
N GLU B 167 23.18 -10.37 18.96
CA GLU B 167 22.25 -11.44 19.31
C GLU B 167 21.09 -11.44 18.31
N ALA B 168 20.53 -10.26 18.04
CA ALA B 168 19.41 -10.14 17.11
C ALA B 168 19.84 -10.52 15.69
N TYR B 169 20.95 -9.93 15.24
CA TYR B 169 21.49 -10.19 13.90
C TYR B 169 21.70 -11.67 13.64
N ASP B 170 22.33 -12.35 14.59
CA ASP B 170 22.63 -13.76 14.41
C ASP B 170 21.47 -14.75 14.48
N ILE B 171 20.29 -14.27 14.84
CA ILE B 171 19.13 -15.15 14.89
C ILE B 171 18.79 -15.59 13.46
N ILE B 172 19.00 -14.69 12.52
CA ILE B 172 18.69 -14.94 11.12
C ILE B 172 19.53 -16.05 10.48
N ASN B 173 18.88 -17.09 10.01
CA ASN B 173 19.57 -18.17 9.33
C ASN B 173 19.68 -17.71 7.88
N ARG B 174 20.80 -17.07 7.55
CA ARG B 174 21.02 -16.54 6.22
C ARG B 174 21.07 -17.58 5.11
N GLU B 175 21.71 -18.72 5.36
CA GLU B 175 21.80 -19.78 4.36
C GLU B 175 20.40 -20.22 3.92
N LYS B 176 19.55 -20.51 4.90
CA LYS B 176 18.20 -20.96 4.62
C LYS B 176 17.32 -19.83 4.08
N LEU B 177 17.58 -18.60 4.52
CA LEU B 177 16.80 -17.46 4.04
C LEU B 177 16.98 -17.34 2.53
N LEU B 178 18.23 -17.38 2.06
CA LEU B 178 18.50 -17.26 0.63
C LEU B 178 17.85 -18.39 -0.16
N GLN B 179 17.95 -19.61 0.36
CA GLN B 179 17.34 -20.76 -0.31
C GLN B 179 15.83 -20.57 -0.39
N TYR B 180 15.25 -20.05 0.67
CA TYR B 180 13.81 -19.80 0.72
C TYR B 180 13.42 -18.78 -0.36
N LEU B 181 14.18 -17.70 -0.48
CA LEU B 181 13.88 -16.71 -1.51
C LEU B 181 13.89 -17.39 -2.87
N TYR B 182 14.92 -18.22 -3.12
CA TYR B 182 15.03 -18.94 -4.38
C TYR B 182 13.79 -19.80 -4.62
N SER B 183 13.28 -20.42 -3.56
CA SER B 183 12.12 -21.29 -3.68
C SER B 183 10.84 -20.55 -4.04
N LEU B 184 10.89 -19.22 -3.99
CA LEU B 184 9.72 -18.40 -4.32
C LEU B 184 9.89 -17.63 -5.63
N LYS B 185 11.10 -17.62 -6.17
CA LYS B 185 11.40 -16.89 -7.41
C LYS B 185 10.77 -17.50 -8.66
N GLN B 186 10.01 -16.68 -9.39
CA GLN B 186 9.35 -17.10 -10.63
C GLN B 186 10.23 -16.73 -11.83
N PRO B 187 10.07 -17.45 -12.95
CA PRO B 187 10.87 -17.15 -14.15
C PRO B 187 10.62 -15.77 -14.78
N ASP B 188 9.44 -15.18 -14.53
CA ASP B 188 9.14 -13.87 -15.10
C ASP B 188 9.68 -12.72 -14.24
N GLY B 189 10.44 -13.07 -13.20
CA GLY B 189 11.01 -12.06 -12.32
C GLY B 189 10.27 -11.77 -11.03
N SER B 190 9.03 -12.25 -10.93
CA SER B 190 8.23 -12.02 -9.73
C SER B 190 8.49 -13.05 -8.65
N PHE B 191 7.95 -12.81 -7.46
CA PHE B 191 8.10 -13.73 -6.35
C PHE B 191 6.74 -14.11 -5.77
N LEU B 192 6.63 -15.33 -5.25
CA LEU B 192 5.41 -15.77 -4.60
C LEU B 192 5.51 -15.19 -3.19
N MET B 193 4.38 -14.89 -2.54
CA MET B 193 4.41 -14.37 -1.18
C MET B 193 4.84 -15.48 -0.22
N HIS B 194 4.52 -16.72 -0.59
CA HIS B 194 4.89 -17.92 0.18
C HIS B 194 4.64 -19.13 -0.71
N VAL B 195 5.09 -20.30 -0.28
CA VAL B 195 4.93 -21.51 -1.08
C VAL B 195 3.45 -21.72 -1.39
N GLY B 196 3.14 -21.93 -2.66
CA GLY B 196 1.76 -22.12 -3.06
C GLY B 196 0.94 -20.87 -2.81
N GLY B 197 1.60 -19.72 -2.71
CA GLY B 197 0.91 -18.47 -2.46
C GLY B 197 0.76 -17.56 -3.66
N GLU B 198 0.09 -16.42 -3.44
CA GLU B 198 -0.18 -15.44 -4.49
C GLU B 198 1.03 -14.54 -4.77
N VAL B 199 1.05 -13.96 -5.97
CA VAL B 199 2.15 -13.05 -6.31
C VAL B 199 1.63 -11.65 -6.63
N ASP B 200 2.37 -10.65 -6.13
CA ASP B 200 2.10 -9.24 -6.38
C ASP B 200 3.37 -8.49 -5.98
N VAL B 201 3.44 -7.20 -6.27
CA VAL B 201 4.65 -6.42 -5.98
C VAL B 201 5.18 -6.45 -4.56
N ARG B 202 4.32 -6.69 -3.58
CA ARG B 202 4.77 -6.75 -2.19
C ARG B 202 5.91 -7.77 -2.01
N SER B 203 5.81 -8.91 -2.70
CA SER B 203 6.83 -9.95 -2.57
C SER B 203 8.21 -9.49 -3.02
N ALA B 204 8.26 -8.76 -4.14
CA ALA B 204 9.53 -8.28 -4.65
C ALA B 204 10.20 -7.35 -3.65
N TYR B 205 9.41 -6.48 -3.03
CA TYR B 205 9.95 -5.56 -2.03
C TYR B 205 10.41 -6.30 -0.80
N CYS B 206 9.58 -7.20 -0.27
CA CYS B 206 9.95 -7.97 0.92
C CYS B 206 11.26 -8.72 0.70
N ALA B 207 11.39 -9.36 -0.47
CA ALA B 207 12.60 -10.11 -0.78
C ALA B 207 13.82 -9.20 -0.92
N ALA B 208 13.70 -8.11 -1.68
CA ALA B 208 14.82 -7.18 -1.85
C ALA B 208 15.22 -6.55 -0.54
N SER B 209 14.25 -6.25 0.31
CA SER B 209 14.54 -5.64 1.60
C SER B 209 15.38 -6.55 2.49
N VAL B 210 14.88 -7.75 2.76
CA VAL B 210 15.61 -8.68 3.62
C VAL B 210 16.93 -9.14 3.02
N ALA B 211 16.97 -9.35 1.70
CA ALA B 211 18.19 -9.81 1.04
C ALA B 211 19.32 -8.78 1.05
N SER B 212 18.99 -7.51 0.81
CA SER B 212 20.00 -6.46 0.80
C SER B 212 20.50 -6.21 2.23
N LEU B 213 19.58 -6.15 3.19
CA LEU B 213 19.98 -5.94 4.58
C LEU B 213 20.89 -7.03 5.12
N THR B 214 20.60 -8.29 4.79
CA THR B 214 21.39 -9.39 5.30
C THR B 214 22.53 -9.83 4.40
N ASN B 215 22.74 -9.09 3.32
CA ASN B 215 23.81 -9.38 2.36
C ASN B 215 23.78 -10.80 1.79
N ILE B 216 22.65 -11.16 1.18
CA ILE B 216 22.51 -12.49 0.57
C ILE B 216 22.08 -12.40 -0.88
N ILE B 217 22.25 -11.23 -1.48
CA ILE B 217 21.87 -11.03 -2.87
C ILE B 217 22.88 -11.66 -3.81
N THR B 218 22.39 -12.50 -4.72
CA THR B 218 23.24 -13.13 -5.70
C THR B 218 22.91 -12.47 -7.02
N PRO B 219 23.79 -12.59 -8.02
CA PRO B 219 23.53 -11.96 -9.32
C PRO B 219 22.25 -12.41 -10.02
N ASP B 220 21.80 -13.64 -9.79
CA ASP B 220 20.60 -14.12 -10.45
C ASP B 220 19.31 -14.06 -9.62
N LEU B 221 19.43 -13.85 -8.32
CA LEU B 221 18.25 -13.79 -7.45
C LEU B 221 17.16 -12.84 -7.97
N PHE B 222 17.57 -11.64 -8.39
CA PHE B 222 16.60 -10.67 -8.89
C PHE B 222 16.58 -10.46 -10.39
N GLU B 223 17.09 -11.44 -11.13
CA GLU B 223 17.11 -11.31 -12.58
C GLU B 223 15.68 -11.32 -13.10
N GLY B 224 15.32 -10.27 -13.86
CA GLY B 224 13.98 -10.16 -14.40
C GLY B 224 13.02 -9.38 -13.51
N THR B 225 13.34 -9.27 -12.22
CA THR B 225 12.48 -8.57 -11.27
C THR B 225 12.20 -7.11 -11.60
N ALA B 226 13.25 -6.34 -11.90
CA ALA B 226 13.09 -4.94 -12.23
C ALA B 226 12.13 -4.75 -13.41
N GLU B 227 12.25 -5.59 -14.43
CA GLU B 227 11.38 -5.50 -15.60
C GLU B 227 9.94 -5.85 -15.23
N TRP B 228 9.78 -6.85 -14.36
CA TRP B 228 8.44 -7.24 -13.93
C TRP B 228 7.78 -6.09 -13.17
N ILE B 229 8.56 -5.40 -12.35
CA ILE B 229 8.02 -4.29 -11.59
C ILE B 229 7.61 -3.16 -12.51
N ALA B 230 8.45 -2.85 -13.49
CA ALA B 230 8.13 -1.77 -14.43
C ALA B 230 6.80 -2.09 -15.13
N ARG B 231 6.57 -3.36 -15.44
CA ARG B 231 5.32 -3.75 -16.08
C ARG B 231 4.12 -3.47 -15.18
N CYS B 232 4.38 -3.32 -13.88
CA CYS B 232 3.31 -3.04 -12.93
C CYS B 232 2.92 -1.55 -12.91
N GLN B 233 3.79 -0.69 -13.44
CA GLN B 233 3.46 0.74 -13.50
C GLN B 233 2.37 0.83 -14.57
N ASN B 234 1.32 1.62 -14.35
CA ASN B 234 0.24 1.70 -15.33
C ASN B 234 0.03 3.08 -15.92
N TRP B 235 -1.05 3.23 -16.68
CA TRP B 235 -1.39 4.48 -17.35
C TRP B 235 -1.49 5.67 -16.41
N GLU B 236 -1.80 5.42 -15.15
CA GLU B 236 -1.92 6.47 -14.13
C GLU B 236 -0.56 7.04 -13.71
N GLY B 237 0.49 6.23 -13.86
CA GLY B 237 1.81 6.66 -13.46
C GLY B 237 2.26 5.94 -12.20
N GLY B 238 1.28 5.53 -11.40
CA GLY B 238 1.57 4.79 -10.17
C GLY B 238 1.78 3.33 -10.50
N ILE B 239 1.90 2.48 -9.48
CA ILE B 239 2.14 1.04 -9.69
C ILE B 239 1.05 0.17 -9.08
N GLY B 240 0.63 -0.85 -9.82
CA GLY B 240 -0.42 -1.74 -9.33
C GLY B 240 0.16 -3.02 -8.74
N GLY B 241 -0.69 -3.81 -8.09
CA GLY B 241 -0.24 -5.06 -7.48
C GLY B 241 0.38 -6.03 -8.47
N VAL B 242 -0.20 -6.10 -9.67
CA VAL B 242 0.29 -6.95 -10.74
C VAL B 242 0.06 -6.18 -12.04
N PRO B 243 0.71 -6.58 -13.14
CA PRO B 243 0.52 -5.88 -14.42
C PRO B 243 -0.94 -5.74 -14.80
N GLY B 244 -1.34 -4.51 -15.16
CA GLY B 244 -2.71 -4.26 -15.55
C GLY B 244 -3.61 -3.67 -14.46
N MET B 245 -3.23 -3.86 -13.19
CA MET B 245 -4.05 -3.35 -12.10
C MET B 245 -3.86 -1.88 -11.73
N GLU B 246 -4.89 -1.34 -11.07
CA GLU B 246 -4.95 0.05 -10.64
C GLU B 246 -3.78 0.47 -9.75
N ALA B 247 -3.31 1.70 -9.96
CA ALA B 247 -2.20 2.23 -9.19
C ALA B 247 -2.61 2.43 -7.73
N HIS B 248 -1.77 1.94 -6.81
CA HIS B 248 -2.07 2.09 -5.39
C HIS B 248 -0.78 2.44 -4.64
N GLY B 249 -0.89 3.38 -3.70
CA GLY B 249 0.27 3.80 -2.93
C GLY B 249 1.05 2.67 -2.30
N GLY B 250 0.32 1.68 -1.79
CA GLY B 250 0.98 0.54 -1.17
C GLY B 250 1.88 -0.22 -2.14
N TYR B 251 1.35 -0.56 -3.31
CA TYR B 251 2.12 -1.29 -4.30
C TYR B 251 3.15 -0.38 -4.97
N THR B 252 2.86 0.91 -5.06
CA THR B 252 3.81 1.84 -5.65
C THR B 252 5.03 2.00 -4.74
N PHE B 253 4.80 2.09 -3.43
CA PHE B 253 5.92 2.18 -2.50
C PHE B 253 6.77 0.91 -2.65
N CYS B 254 6.10 -0.25 -2.59
CA CYS B 254 6.81 -1.51 -2.71
C CYS B 254 7.64 -1.59 -3.99
N GLY B 255 7.03 -1.20 -5.11
CA GLY B 255 7.73 -1.27 -6.38
C GLY B 255 8.93 -0.33 -6.48
N LEU B 256 8.75 0.93 -6.11
CA LEU B 256 9.86 1.86 -6.23
C LEU B 256 10.97 1.57 -5.23
N ALA B 257 10.62 1.24 -4.00
CA ALA B 257 11.62 0.95 -2.98
C ALA B 257 12.45 -0.27 -3.39
N ALA B 258 11.79 -1.26 -3.98
CA ALA B 258 12.49 -2.45 -4.43
C ALA B 258 13.46 -2.10 -5.57
N LEU B 259 13.00 -1.25 -6.48
CA LEU B 259 13.84 -0.85 -7.61
C LEU B 259 15.04 -0.04 -7.15
N VAL B 260 14.86 0.75 -6.11
CA VAL B 260 15.94 1.57 -5.56
C VAL B 260 17.01 0.63 -4.98
N ILE B 261 16.57 -0.42 -4.28
CA ILE B 261 17.51 -1.38 -3.70
C ILE B 261 18.28 -2.05 -4.84
N LEU B 262 17.60 -2.36 -5.94
CA LEU B 262 18.23 -3.01 -7.09
C LEU B 262 18.96 -2.01 -8.00
N LYS B 263 18.82 -0.73 -7.71
CA LYS B 263 19.46 0.32 -8.51
C LYS B 263 18.92 0.28 -9.94
N ARG B 264 17.61 0.08 -10.07
CA ARG B 264 16.98 0.02 -11.37
C ARG B 264 15.78 0.98 -11.48
N GLU B 265 15.80 2.05 -10.70
CA GLU B 265 14.71 3.03 -10.70
C GLU B 265 14.40 3.54 -12.10
N ARG B 266 15.43 3.66 -12.92
CA ARG B 266 15.28 4.16 -14.28
C ARG B 266 14.40 3.29 -15.17
N SER B 267 14.04 2.11 -14.70
CA SER B 267 13.18 1.23 -15.48
C SER B 267 11.74 1.79 -15.50
N LEU B 268 11.45 2.72 -14.60
CA LEU B 268 10.13 3.31 -14.53
C LEU B 268 10.08 4.67 -15.18
N ASN B 269 8.87 5.14 -15.47
CA ASN B 269 8.68 6.47 -16.01
C ASN B 269 8.58 7.27 -14.71
N LEU B 270 9.68 7.88 -14.28
CA LEU B 270 9.69 8.64 -13.04
C LEU B 270 8.82 9.90 -13.09
N LYS B 271 8.66 10.45 -14.29
CA LYS B 271 7.85 11.65 -14.49
C LYS B 271 6.38 11.38 -14.18
N SER B 272 5.83 10.32 -14.77
CA SER B 272 4.42 10.02 -14.54
C SER B 272 4.21 9.50 -13.12
N LEU B 273 5.23 8.90 -12.53
CA LEU B 273 5.09 8.41 -11.16
C LEU B 273 5.05 9.61 -10.21
N LEU B 274 5.95 10.57 -10.42
CA LEU B 274 6.01 11.77 -9.58
C LEU B 274 4.68 12.53 -9.63
N GLN B 275 4.18 12.77 -10.83
CA GLN B 275 2.93 13.50 -10.98
C GLN B 275 1.76 12.74 -10.33
N TRP B 276 1.78 11.42 -10.42
CA TRP B 276 0.71 10.62 -9.83
C TRP B 276 0.72 10.70 -8.30
N VAL B 277 1.86 10.40 -7.66
CA VAL B 277 1.91 10.43 -6.20
C VAL B 277 1.60 11.80 -5.60
N THR B 278 2.12 12.86 -6.20
CA THR B 278 1.84 14.21 -5.68
C THR B 278 0.35 14.52 -5.76
N SER B 279 -0.34 13.93 -6.73
CA SER B 279 -1.78 14.15 -6.88
C SER B 279 -2.57 13.39 -5.82
N ARG B 280 -1.94 12.42 -5.17
CA ARG B 280 -2.61 11.63 -4.15
C ARG B 280 -2.74 12.37 -2.81
N GLN B 281 -2.09 13.52 -2.66
CA GLN B 281 -2.23 14.27 -1.42
C GLN B 281 -3.54 15.05 -1.55
N MET B 282 -4.41 14.92 -0.55
CA MET B 282 -5.72 15.57 -0.58
C MET B 282 -5.65 17.07 -0.30
N ARG B 283 -6.15 17.86 -1.24
CA ARG B 283 -6.11 19.31 -1.09
C ARG B 283 -6.80 19.81 0.18
N PHE B 284 -7.87 19.16 0.60
CA PHE B 284 -8.54 19.61 1.82
C PHE B 284 -8.00 18.99 3.10
N GLU B 285 -8.00 17.66 3.16
CA GLU B 285 -7.54 16.97 4.36
C GLU B 285 -6.06 17.13 4.68
N GLY B 286 -5.22 17.20 3.65
CA GLY B 286 -3.80 17.35 3.87
C GLY B 286 -3.07 16.02 3.87
N GLY B 287 -3.80 14.94 4.12
CA GLY B 287 -3.20 13.61 4.13
C GLY B 287 -3.22 13.02 2.73
N PHE B 288 -2.88 11.75 2.61
CA PHE B 288 -2.86 11.07 1.32
C PHE B 288 -3.92 9.98 1.20
N GLN B 289 -4.41 9.77 -0.02
CA GLN B 289 -5.38 8.71 -0.29
C GLN B 289 -4.52 7.57 -0.88
N GLY B 290 -5.07 6.36 -0.96
CA GLY B 290 -4.32 5.23 -1.49
C GLY B 290 -4.39 5.09 -2.99
N ARG B 291 -5.46 5.61 -3.57
CA ARG B 291 -5.65 5.58 -5.02
C ARG B 291 -6.65 6.67 -5.39
N CYS B 292 -6.57 7.13 -6.63
CA CYS B 292 -7.43 8.19 -7.10
C CYS B 292 -8.89 7.92 -6.77
N ASN B 293 -9.56 8.98 -6.30
CA ASN B 293 -10.98 8.95 -5.95
C ASN B 293 -11.38 8.05 -4.78
N LYS B 294 -10.43 7.73 -3.91
CA LYS B 294 -10.75 6.97 -2.71
C LYS B 294 -10.45 7.90 -1.53
N LEU B 295 -10.54 7.41 -0.31
CA LEU B 295 -10.39 8.26 0.87
C LEU B 295 -9.02 8.42 1.52
N VAL B 296 -8.86 9.57 2.19
CA VAL B 296 -7.64 9.89 2.91
C VAL B 296 -7.46 8.83 4.00
N ASP B 297 -6.21 8.55 4.39
CA ASP B 297 -5.93 7.55 5.42
C ASP B 297 -4.54 7.79 5.98
N GLY B 298 -4.46 7.89 7.30
CA GLY B 298 -3.18 8.14 7.95
C GLY B 298 -2.01 7.24 7.56
N CYS B 299 -2.26 5.96 7.30
CA CYS B 299 -1.14 5.07 6.96
C CYS B 299 -0.47 5.44 5.65
N TYR B 300 -1.19 6.11 4.76
CA TYR B 300 -0.60 6.52 3.48
C TYR B 300 0.36 7.67 3.67
N SER B 301 0.46 8.16 4.90
CA SER B 301 1.40 9.24 5.21
C SER B 301 2.78 8.67 4.92
N PHE B 302 2.91 7.35 5.04
CA PHE B 302 4.17 6.70 4.75
C PHE B 302 4.21 6.08 3.35
N TRP B 303 3.25 5.20 3.05
CA TRP B 303 3.24 4.52 1.76
C TRP B 303 3.31 5.50 0.58
N GLN B 304 2.58 6.62 0.65
CA GLN B 304 2.60 7.60 -0.43
C GLN B 304 3.69 8.65 -0.26
N ALA B 305 3.64 9.40 0.84
CA ALA B 305 4.63 10.46 1.06
C ALA B 305 6.05 9.91 1.05
N GLY B 306 6.20 8.64 1.43
CA GLY B 306 7.51 8.01 1.43
C GLY B 306 8.11 7.88 0.04
N LEU B 307 7.29 7.99 -1.00
CA LEU B 307 7.76 7.89 -2.37
C LEU B 307 8.54 9.14 -2.80
N LEU B 308 8.29 10.27 -2.15
CA LEU B 308 8.99 11.48 -2.52
C LEU B 308 10.49 11.48 -2.18
N PRO B 309 10.87 10.96 -1.00
CA PRO B 309 12.31 10.96 -0.74
C PRO B 309 12.97 9.98 -1.73
N LEU B 310 12.27 8.91 -2.07
CA LEU B 310 12.80 7.92 -3.00
C LEU B 310 12.94 8.55 -4.39
N LEU B 311 11.94 9.29 -4.83
CA LEU B 311 11.98 9.95 -6.13
C LEU B 311 13.08 11.01 -6.13
N HIS B 312 13.20 11.74 -5.01
CA HIS B 312 14.23 12.78 -4.89
C HIS B 312 15.61 12.17 -5.13
N ARG B 313 15.87 11.06 -4.45
CA ARG B 313 17.14 10.34 -4.56
C ARG B 313 17.36 9.85 -5.99
N ALA B 314 16.31 9.31 -6.59
CA ALA B 314 16.39 8.79 -7.96
C ALA B 314 16.72 9.89 -8.97
N LEU B 315 16.04 11.02 -8.84
CA LEU B 315 16.27 12.13 -9.75
C LEU B 315 17.64 12.77 -9.50
N HIS B 316 18.03 12.84 -8.23
CA HIS B 316 19.31 13.41 -7.86
C HIS B 316 20.45 12.63 -8.51
N ALA B 317 20.33 11.30 -8.49
CA ALA B 317 21.33 10.42 -9.08
C ALA B 317 21.49 10.70 -10.57
N GLN B 318 20.43 11.19 -11.19
CA GLN B 318 20.43 11.50 -12.61
C GLN B 318 20.92 12.92 -12.90
N GLY B 319 21.28 13.65 -11.86
CA GLY B 319 21.75 15.01 -12.04
C GLY B 319 20.67 16.03 -12.36
N ASP B 320 19.45 15.82 -11.85
CA ASP B 320 18.35 16.74 -12.08
C ASP B 320 18.70 18.09 -11.44
N PRO B 321 18.88 19.13 -12.27
CA PRO B 321 19.23 20.47 -11.77
C PRO B 321 18.11 21.29 -11.15
N ALA B 322 16.87 20.82 -11.20
CA ALA B 322 15.75 21.57 -10.65
C ALA B 322 15.30 21.12 -9.27
N LEU B 323 15.85 20.00 -8.80
CA LEU B 323 15.46 19.47 -7.49
C LEU B 323 15.65 20.49 -6.37
N SER B 324 14.76 20.42 -5.39
CA SER B 324 14.83 21.30 -4.23
C SER B 324 15.99 20.84 -3.36
N MET B 325 16.55 21.76 -2.59
CA MET B 325 17.65 21.42 -1.70
C MET B 325 17.19 21.56 -0.25
N SER B 326 15.88 21.71 -0.06
CA SER B 326 15.35 21.89 1.28
C SER B 326 13.99 21.25 1.56
N HIS B 327 13.26 20.85 0.52
CA HIS B 327 11.94 20.25 0.71
C HIS B 327 11.63 19.08 -0.19
N TRP B 328 10.78 18.17 0.31
CA TRP B 328 10.32 17.02 -0.47
C TRP B 328 9.24 17.62 -1.37
N MET B 329 8.89 16.93 -2.44
CA MET B 329 7.88 17.47 -3.34
C MET B 329 6.42 17.15 -3.00
N PHE B 330 6.04 17.47 -1.77
CA PHE B 330 4.66 17.32 -1.31
C PHE B 330 4.52 18.36 -0.20
N HIS B 331 3.30 18.62 0.24
CA HIS B 331 3.09 19.62 1.28
C HIS B 331 3.38 19.03 2.65
N GLN B 332 4.61 19.22 3.09
CA GLN B 332 5.06 18.70 4.38
C GLN B 332 4.26 19.20 5.57
N GLN B 333 3.95 20.50 5.57
CA GLN B 333 3.18 21.08 6.65
C GLN B 333 1.77 20.48 6.71
N ALA B 334 1.08 20.46 5.58
CA ALA B 334 -0.28 19.93 5.54
C ALA B 334 -0.34 18.50 6.05
N LEU B 335 0.62 17.66 5.66
CA LEU B 335 0.60 16.27 6.11
C LEU B 335 0.75 16.20 7.63
N GLN B 336 1.61 17.05 8.19
CA GLN B 336 1.81 17.06 9.63
C GLN B 336 0.52 17.53 10.31
N GLU B 337 -0.18 18.46 9.69
CA GLU B 337 -1.43 18.97 10.25
C GLU B 337 -2.49 17.87 10.27
N TYR B 338 -2.58 17.11 9.19
CA TYR B 338 -3.54 16.03 9.14
C TYR B 338 -3.25 14.98 10.20
N ILE B 339 -2.00 14.55 10.28
CA ILE B 339 -1.61 13.53 11.24
C ILE B 339 -1.81 13.99 12.68
N LEU B 340 -1.25 15.14 13.03
CA LEU B 340 -1.35 15.65 14.39
C LEU B 340 -2.76 15.99 14.87
N MET B 341 -3.58 16.59 13.99
CA MET B 341 -4.94 16.97 14.35
C MET B 341 -6.00 15.91 14.16
N CYS B 342 -5.86 15.05 13.15
CA CYS B 342 -6.89 14.06 12.88
C CYS B 342 -6.57 12.58 13.12
N CYS B 343 -5.30 12.23 13.26
CA CYS B 343 -4.92 10.82 13.42
C CYS B 343 -4.45 10.33 14.79
N GLN B 344 -4.53 11.17 15.81
CA GLN B 344 -4.11 10.76 17.14
C GLN B 344 -5.28 10.32 17.99
N CYS B 345 -5.16 9.17 18.65
CA CYS B 345 -6.22 8.70 19.52
C CYS B 345 -5.94 9.28 20.90
N PRO B 346 -6.95 9.94 21.50
CA PRO B 346 -6.82 10.55 22.82
C PRO B 346 -6.20 9.62 23.87
N ALA B 347 -6.53 8.33 23.77
CA ALA B 347 -6.02 7.32 24.70
C ALA B 347 -4.65 6.74 24.33
N GLY B 348 -4.05 7.24 23.25
CA GLY B 348 -2.76 6.71 22.84
C GLY B 348 -2.91 5.89 21.56
N GLY B 349 -1.92 5.99 20.67
CA GLY B 349 -1.99 5.27 19.42
C GLY B 349 -2.51 6.20 18.34
N LEU B 350 -2.27 5.85 17.07
CA LEU B 350 -2.74 6.69 15.98
C LEU B 350 -3.65 5.91 15.04
N LEU B 351 -4.25 6.60 14.08
CA LEU B 351 -5.19 5.94 13.19
C LEU B 351 -5.35 6.41 11.74
N ASP B 352 -6.25 5.72 11.06
CA ASP B 352 -6.62 5.96 9.66
C ASP B 352 -7.22 7.35 9.49
N LYS B 353 -8.35 7.60 10.16
CA LYS B 353 -9.04 8.89 10.11
C LYS B 353 -9.94 9.00 11.33
N PRO B 354 -10.39 10.23 11.66
CA PRO B 354 -11.26 10.42 12.81
C PRO B 354 -12.45 9.46 12.79
N GLY B 355 -12.70 8.79 13.91
CA GLY B 355 -13.82 7.87 13.95
C GLY B 355 -13.42 6.41 13.83
N LYS B 356 -12.18 6.17 13.42
CA LYS B 356 -11.69 4.81 13.26
C LYS B 356 -11.02 4.40 14.55
N SER B 357 -10.84 3.09 14.73
CA SER B 357 -10.18 2.57 15.92
C SER B 357 -8.67 2.60 15.71
N ARG B 358 -7.94 2.77 16.80
CA ARG B 358 -6.51 2.78 16.74
C ARG B 358 -6.03 1.33 16.56
N ASP B 359 -4.83 1.17 16.02
CA ASP B 359 -4.22 -0.14 15.87
C ASP B 359 -2.74 0.12 15.70
N PHE B 360 -1.91 -0.89 15.92
CA PHE B 360 -0.47 -0.71 15.81
C PHE B 360 0.04 -0.42 14.40
N TYR B 361 -0.67 -0.92 13.41
CA TYR B 361 -0.31 -0.70 12.01
C TYR B 361 -0.37 0.81 11.71
N HIS B 362 -1.52 1.44 12.01
CA HIS B 362 -1.64 2.86 11.77
C HIS B 362 -0.73 3.69 12.68
N THR B 363 -0.48 3.20 13.88
CA THR B 363 0.41 3.93 14.78
C THR B 363 1.79 3.98 14.13
N CYS B 364 2.24 2.83 13.62
CA CYS B 364 3.53 2.74 12.96
C CYS B 364 3.67 3.65 11.75
N TYR B 365 2.73 3.56 10.82
CA TYR B 365 2.83 4.37 9.60
C TYR B 365 2.49 5.85 9.70
N CYS B 366 1.64 6.23 10.65
CA CYS B 366 1.33 7.64 10.83
C CYS B 366 2.61 8.31 11.36
N LEU B 367 3.26 7.65 12.31
CA LEU B 367 4.50 8.19 12.88
C LEU B 367 5.61 8.19 11.84
N SER B 368 5.70 7.11 11.07
CA SER B 368 6.73 7.02 10.04
C SER B 368 6.54 8.18 9.06
N GLY B 369 5.29 8.43 8.69
CA GLY B 369 4.98 9.49 7.77
C GLY B 369 5.28 10.86 8.35
N LEU B 370 4.98 11.05 9.63
CA LEU B 370 5.22 12.32 10.29
C LEU B 370 6.72 12.64 10.27
N SER B 371 7.53 11.62 10.52
CA SER B 371 8.99 11.76 10.53
C SER B 371 9.51 12.19 9.15
N ILE B 372 8.99 11.58 8.10
CA ILE B 372 9.41 11.93 6.75
C ILE B 372 9.02 13.37 6.43
N ALA B 373 7.82 13.78 6.84
CA ALA B 373 7.35 15.14 6.59
C ALA B 373 8.16 16.17 7.39
N GLN B 374 8.77 15.74 8.49
CA GLN B 374 9.56 16.65 9.33
C GLN B 374 11.01 16.80 8.87
N HIS B 375 11.55 15.75 8.24
CA HIS B 375 12.95 15.79 7.84
C HIS B 375 13.32 15.60 6.37
N PHE B 376 14.02 16.60 5.84
CA PHE B 376 14.50 16.57 4.47
C PHE B 376 16.00 16.34 4.56
N GLY B 377 16.52 15.53 3.65
CA GLY B 377 17.95 15.26 3.64
C GLY B 377 18.39 14.85 2.25
N SER B 378 19.41 15.51 1.72
CA SER B 378 19.93 15.21 0.39
C SER B 378 21.35 15.73 0.34
N GLY B 379 22.32 14.82 0.29
CA GLY B 379 23.71 15.23 0.27
C GLY B 379 24.02 15.72 1.67
N ALA B 380 24.76 16.82 1.78
CA ALA B 380 25.10 17.36 3.09
C ALA B 380 23.99 18.31 3.52
N MET B 381 22.99 18.46 2.67
CA MET B 381 21.86 19.35 2.93
C MET B 381 20.82 18.73 3.86
N LEU B 382 20.54 19.42 4.95
CA LEU B 382 19.55 18.98 5.92
C LEU B 382 18.62 20.16 6.26
N HIS B 383 17.31 19.93 6.18
CA HIS B 383 16.36 20.98 6.49
C HIS B 383 15.14 20.39 7.20
N ASP B 384 14.94 20.80 8.45
CA ASP B 384 13.83 20.29 9.25
C ASP B 384 12.67 21.27 9.34
N VAL B 385 11.47 20.70 9.40
CA VAL B 385 10.24 21.48 9.51
C VAL B 385 9.40 20.74 10.53
N VAL B 386 9.59 21.05 11.81
CA VAL B 386 8.84 20.40 12.86
C VAL B 386 7.70 21.30 13.32
N LEU B 387 6.49 20.96 12.88
CA LEU B 387 5.31 21.71 13.25
C LEU B 387 4.92 21.48 14.71
N GLY B 388 4.44 22.52 15.37
CA GLY B 388 4.04 22.39 16.76
C GLY B 388 5.16 22.58 17.77
N VAL B 389 4.98 22.03 18.97
CA VAL B 389 5.99 22.15 20.00
C VAL B 389 7.23 21.38 19.53
N PRO B 390 8.43 21.90 19.84
CA PRO B 390 9.71 21.27 19.46
C PRO B 390 9.79 19.78 19.78
N GLU B 391 9.17 19.36 20.87
CA GLU B 391 9.21 17.96 21.27
C GLU B 391 8.54 17.02 20.25
N ASN B 392 7.84 17.58 19.28
CA ASN B 392 7.17 16.76 18.27
C ASN B 392 8.18 16.08 17.33
N ALA B 393 9.40 16.61 17.29
CA ALA B 393 10.43 16.05 16.42
C ALA B 393 10.67 14.56 16.68
N LEU B 394 10.54 13.76 15.63
CA LEU B 394 10.73 12.32 15.74
C LEU B 394 12.11 11.94 15.21
N GLN B 395 12.52 10.71 15.49
CA GLN B 395 13.79 10.23 14.98
C GLN B 395 13.57 9.97 13.49
N PRO B 396 14.60 10.20 12.67
CA PRO B 396 14.46 9.98 11.23
C PRO B 396 14.26 8.52 10.85
N THR B 397 13.67 8.28 9.69
CA THR B 397 13.46 6.92 9.24
C THR B 397 14.00 6.78 7.81
N HIS B 398 14.50 5.60 7.48
CA HIS B 398 15.06 5.34 6.16
C HIS B 398 13.86 5.10 5.23
N PRO B 399 13.79 5.84 4.11
CA PRO B 399 12.70 5.73 3.14
C PRO B 399 12.52 4.38 2.45
N VAL B 400 13.59 3.60 2.34
CA VAL B 400 13.50 2.30 1.70
C VAL B 400 13.02 1.20 2.67
N TYR B 401 13.70 1.06 3.81
CA TYR B 401 13.38 0.02 4.78
C TYR B 401 12.38 0.38 5.87
N ASN B 402 12.26 1.67 6.15
CA ASN B 402 11.39 2.19 7.19
C ASN B 402 11.78 1.73 8.59
N ILE B 403 13.06 1.90 8.87
CA ILE B 403 13.64 1.64 10.20
C ILE B 403 14.68 2.76 10.22
N GLY B 404 15.17 3.11 11.40
CA GLY B 404 16.15 4.17 11.51
C GLY B 404 17.33 4.02 10.56
N PRO B 405 17.82 5.12 9.97
CA PRO B 405 18.96 5.11 9.04
C PRO B 405 20.19 4.52 9.74
N ASP B 406 20.33 4.84 11.03
CA ASP B 406 21.44 4.32 11.81
C ASP B 406 21.34 2.80 11.87
N LYS B 407 20.11 2.29 12.00
CA LYS B 407 19.89 0.85 12.07
C LYS B 407 20.25 0.17 10.75
N VAL B 408 19.95 0.83 9.64
CA VAL B 408 20.27 0.31 8.31
C VAL B 408 21.78 0.18 8.13
N ILE B 409 22.50 1.26 8.42
CA ILE B 409 23.95 1.27 8.28
C ILE B 409 24.62 0.21 9.16
N GLN B 410 24.18 0.12 10.41
CA GLN B 410 24.76 -0.85 11.34
C GLN B 410 24.49 -2.29 10.90
N ALA B 411 23.28 -2.57 10.44
CA ALA B 411 22.94 -3.91 9.98
C ALA B 411 23.70 -4.30 8.72
N THR B 412 23.67 -3.43 7.72
CA THR B 412 24.35 -3.71 6.46
C THR B 412 25.85 -3.87 6.67
N THR B 413 26.42 -3.08 7.58
CA THR B 413 27.85 -3.17 7.86
C THR B 413 28.17 -4.51 8.48
N TYR B 414 27.34 -4.92 9.44
CA TYR B 414 27.53 -6.18 10.12
C TYR B 414 27.47 -7.37 9.14
N PHE B 415 26.39 -7.44 8.37
CA PHE B 415 26.24 -8.55 7.43
C PHE B 415 27.19 -8.54 6.24
N LEU B 416 27.69 -7.37 5.86
CA LEU B 416 28.63 -7.30 4.74
C LEU B 416 29.93 -7.98 5.12
N GLN B 417 30.12 -8.23 6.40
CA GLN B 417 31.33 -8.90 6.88
C GLN B 417 31.18 -10.41 6.80
N LYS B 418 30.01 -10.85 6.37
CA LYS B 418 29.74 -12.27 6.22
C LYS B 418 29.66 -12.55 4.73
N PRO B 419 29.97 -13.78 4.31
CA PRO B 419 29.90 -14.08 2.88
C PRO B 419 28.46 -14.36 2.46
N VAL B 420 28.19 -14.26 1.16
CA VAL B 420 26.86 -14.56 0.64
C VAL B 420 26.80 -16.08 0.71
N PRO B 421 25.78 -16.65 1.36
CA PRO B 421 25.64 -18.11 1.49
C PRO B 421 25.98 -18.91 0.23
N GLY B 422 27.13 -19.59 0.28
CA GLY B 422 27.57 -20.40 -0.85
C GLY B 422 27.94 -19.60 -2.10
N PHE B 423 28.26 -18.32 -1.91
CA PHE B 423 28.61 -17.38 -2.97
C PHE B 423 27.46 -17.12 -3.94
#